data_5UPH
#
_entry.id   5UPH
#
_cell.length_a   139.040
_cell.length_b   139.040
_cell.length_c   178.280
_cell.angle_alpha   90.00
_cell.angle_beta   90.00
_cell.angle_gamma   90.00
#
_symmetry.space_group_name_H-M   'P 42 21 2'
#
loop_
_entity.id
_entity.type
_entity.pdbx_description
1 polymer 'Lysosome membrane protein 2'
2 branched alpha-D-mannopyranose-(1-3)-beta-D-mannopyranose-(1-4)-2-acetamido-2-deoxy-beta-D-glucopyranose-(1-4)-2-acetamido-2-deoxy-beta-D-glucopyranose
3 branched 2-acetamido-2-deoxy-beta-D-glucopyranose-(1-4)-2-acetamido-2-deoxy-beta-D-glucopyranose
4 branched 6-O-phosphono-beta-D-mannopyranose-(1-2)-alpha-D-mannopyranose-(1-6)-alpha-D-mannopyranose-(1-6)-[alpha-D-mannopyranose-(1-3)]beta-D-mannopyranose-(1-4)-2-acetamido-2-deoxy-beta-D-glucopyranose-(1-4)-2-acetamido-2-deoxy-beta-D-glucopyranose
5 branched alpha-D-mannopyranose-(1-3)-[alpha-D-mannopyranose-(1-6)]beta-D-mannopyranose-(1-4)-2-acetamido-2-deoxy-beta-D-glucopyranose-(1-4)-2-acetamido-2-deoxy-beta-D-glucopyranose
6 non-polymer CHOLESTEROL
7 non-polymer 1,2-DIOLEOYL-SN-GLYCERO-3-PHOSPHOCHOLINE
#
_entity_poly.entity_id   1
_entity_poly.type   'polypeptide(L)'
_entity_poly.pdbx_seq_one_letter_code
;VFQKAVDQSIEKKIVLRNGTEAFDSWEKPPLPVYTQFYFFNVTNPEEILRGETPRVEEVGPYTYRELRNKANIQFGDNGT
TISAVSNKAYVFERDQSVGDPKIDLIRTLNIPVLTVIEWSQVHFLREIIEAMLKAYQQKLFVTHTVDELLWGYKDEILSL
IHVFRPDISPYFGLFYEKNGTNDGDYVFLTGEDSYLNFTKIVEWNGKTSLDWWITDKCNMINGTDGDSFHPLITKDEVLY
VFPSDFCRSVYITFSDYESVQGLPAFRYKVPAEILANTSDNAGFCIPEGNCLGSGVLNVSICKNGAPIIMSFPHFYQADE
RFVSAIEGMHPNQEDHETFVDINPLTGIILKAAKRFQINIYVKKLDDFVETGDIRTMVFPVMYLNESVHIDKETASRLKS
MINTHHHHHH
;
_entity_poly.pdbx_strand_id   A,B
#
loop_
_chem_comp.id
_chem_comp.type
_chem_comp.name
_chem_comp.formula
BMA D-saccharide, beta linking beta-D-mannopyranose 'C6 H12 O6'
CLR non-polymer CHOLESTEROL 'C27 H46 O'
M6D D-saccharide, beta linking 6-O-phosphono-beta-D-mannopyranose 'C6 H13 O9 P'
MAN D-saccharide, alpha linking alpha-D-mannopyranose 'C6 H12 O6'
NAG D-saccharide, beta linking 2-acetamido-2-deoxy-beta-D-glucopyranose 'C8 H15 N O6'
PCW non-polymer 1,2-DIOLEOYL-SN-GLYCERO-3-PHOSPHOCHOLINE 'C44 H85 N O8 P 1'
#
# COMPACT_ATOMS: atom_id res chain seq x y z
N ASP A 24 -11.67 5.48 32.37
CA ASP A 24 -11.30 6.16 33.61
C ASP A 24 -9.84 6.66 33.62
N SER A 25 -9.01 6.17 32.66
CA SER A 25 -7.58 6.46 32.50
C SER A 25 -7.27 7.89 31.96
N TRP A 26 -6.15 8.04 31.23
CA TRP A 26 -5.61 9.26 30.60
C TRP A 26 -5.24 10.38 31.60
N GLU A 27 -3.94 10.50 31.90
CA GLU A 27 -3.36 11.50 32.81
C GLU A 27 -2.83 12.71 32.02
N LYS A 28 -2.46 13.78 32.73
CA LYS A 28 -1.90 14.99 32.13
C LYS A 28 -0.37 14.81 31.94
N PRO A 29 0.22 15.09 30.73
CA PRO A 29 1.68 14.91 30.56
C PRO A 29 2.54 15.77 31.50
N PRO A 30 3.83 15.41 31.78
CA PRO A 30 4.65 16.22 32.71
C PRO A 30 4.78 17.69 32.31
N LEU A 31 4.95 17.93 30.98
CA LEU A 31 5.00 19.25 30.37
C LEU A 31 3.80 19.38 29.44
N PRO A 32 2.99 20.45 29.57
CA PRO A 32 1.78 20.58 28.75
C PRO A 32 2.03 20.74 27.26
N VAL A 33 1.50 19.79 26.47
CA VAL A 33 1.65 19.78 25.02
C VAL A 33 0.32 20.11 24.38
N TYR A 34 0.34 20.98 23.36
CA TYR A 34 -0.83 21.46 22.63
C TYR A 34 -0.61 21.40 21.12
N THR A 35 -1.60 20.89 20.37
CA THR A 35 -1.55 20.91 18.90
C THR A 35 -2.64 21.86 18.47
N GLN A 36 -2.28 22.84 17.64
CA GLN A 36 -3.22 23.81 17.07
C GLN A 36 -3.27 23.64 15.58
N PHE A 37 -4.49 23.52 15.04
CA PHE A 37 -4.68 23.34 13.60
C PHE A 37 -5.14 24.64 12.95
N TYR A 38 -4.61 24.91 11.75
CA TYR A 38 -4.87 26.12 10.98
C TYR A 38 -5.19 25.67 9.56
N PHE A 39 -6.41 25.88 9.09
CA PHE A 39 -6.86 25.44 7.77
C PHE A 39 -6.88 26.55 6.71
N PHE A 40 -6.51 26.19 5.46
CA PHE A 40 -6.63 27.17 4.37
C PHE A 40 -7.95 26.92 3.62
N ASN A 41 -8.94 27.85 3.82
CA ASN A 41 -10.27 27.88 3.22
C ASN A 41 -10.14 28.41 1.79
N VAL A 42 -10.63 27.63 0.79
CA VAL A 42 -10.53 27.98 -0.64
C VAL A 42 -11.67 28.87 -1.05
N THR A 43 -11.37 30.17 -1.28
CA THR A 43 -12.35 31.21 -1.60
C THR A 43 -12.80 31.17 -3.07
N ASN A 44 -11.94 30.69 -4.01
CA ASN A 44 -12.34 30.70 -5.43
C ASN A 44 -12.22 29.30 -6.11
N PRO A 45 -13.11 28.33 -5.79
CA PRO A 45 -12.94 27.00 -6.38
C PRO A 45 -13.25 26.91 -7.85
N GLU A 46 -14.37 27.51 -8.29
CA GLU A 46 -14.73 27.47 -9.70
C GLU A 46 -13.68 28.21 -10.52
N GLU A 47 -13.09 29.26 -9.93
CA GLU A 47 -12.07 30.02 -10.62
C GLU A 47 -10.78 29.22 -10.74
N ILE A 48 -10.47 28.33 -9.77
CA ILE A 48 -9.27 27.48 -9.82
C ILE A 48 -9.37 26.47 -10.97
N LEU A 49 -10.57 25.86 -11.13
CA LEU A 49 -10.86 24.86 -12.17
C LEU A 49 -10.77 25.48 -13.54
N ARG A 50 -10.98 26.80 -13.66
CA ARG A 50 -10.89 27.46 -14.95
C ARG A 50 -9.46 28.02 -15.19
N GLY A 51 -8.52 27.62 -14.33
CA GLY A 51 -7.11 27.94 -14.51
C GLY A 51 -6.50 29.14 -13.79
N GLU A 52 -7.29 29.88 -13.01
CA GLU A 52 -6.81 31.04 -12.26
C GLU A 52 -5.96 30.65 -11.01
N THR A 53 -5.26 31.63 -10.40
CA THR A 53 -4.44 31.47 -9.19
C THR A 53 -5.38 31.25 -7.98
N PRO A 54 -5.15 30.19 -7.18
CA PRO A 54 -5.97 29.99 -5.96
C PRO A 54 -5.87 31.11 -4.94
N ARG A 55 -6.98 31.40 -4.29
CA ARG A 55 -7.09 32.44 -3.26
C ARG A 55 -7.59 31.71 -2.02
N VAL A 56 -6.74 31.65 -1.00
CA VAL A 56 -7.03 30.96 0.26
C VAL A 56 -7.06 31.91 1.43
N GLU A 57 -7.76 31.50 2.49
CA GLU A 57 -7.97 32.27 3.69
C GLU A 57 -7.75 31.35 4.88
N GLU A 58 -6.74 31.70 5.71
CA GLU A 58 -6.31 30.92 6.89
C GLU A 58 -7.33 31.08 8.03
N VAL A 59 -7.84 29.94 8.51
CA VAL A 59 -8.83 29.78 9.57
C VAL A 59 -8.16 29.00 10.72
N GLY A 60 -8.04 29.62 11.88
CA GLY A 60 -7.42 28.96 13.03
C GLY A 60 -7.01 29.90 14.14
N PRO A 61 -6.55 29.39 15.32
CA PRO A 61 -6.32 27.98 15.67
C PRO A 61 -7.54 27.22 16.18
N TYR A 62 -7.44 25.89 16.12
CA TYR A 62 -8.37 24.94 16.71
C TYR A 62 -7.46 24.18 17.67
N THR A 63 -7.43 24.67 18.92
CA THR A 63 -6.55 24.21 19.99
C THR A 63 -7.03 22.95 20.67
N TYR A 64 -6.14 21.94 20.65
CA TYR A 64 -6.30 20.63 21.26
C TYR A 64 -5.16 20.42 22.27
N ARG A 65 -5.51 20.06 23.51
CA ARG A 65 -4.58 19.78 24.58
C ARG A 65 -4.30 18.28 24.59
N GLU A 66 -3.03 17.91 24.57
CA GLU A 66 -2.66 16.52 24.55
C GLU A 66 -2.71 15.89 25.94
N LEU A 67 -3.23 14.63 26.02
CA LEU A 67 -3.36 13.80 27.22
C LEU A 67 -2.61 12.51 27.01
N ARG A 68 -2.05 11.93 28.09
CA ARG A 68 -1.27 10.69 27.97
C ARG A 68 -1.53 9.67 29.07
N ASN A 69 -1.61 8.37 28.68
CA ASN A 69 -1.72 7.14 29.50
C ASN A 69 -2.05 5.95 28.61
N SER A 86 2.25 6.07 26.92
CA SER A 86 2.77 5.93 25.55
C SER A 86 1.77 6.39 24.44
N ASN A 87 0.44 6.47 24.78
CA ASN A 87 -0.68 6.84 23.89
C ASN A 87 -1.17 8.31 24.07
N LYS A 88 -1.28 9.05 22.94
CA LYS A 88 -1.75 10.44 22.86
C LYS A 88 -3.30 10.47 22.86
N ALA A 89 -3.93 11.60 23.26
CA ALA A 89 -5.37 11.86 23.27
C ALA A 89 -5.60 13.36 23.16
N TYR A 90 -6.36 13.79 22.16
CA TYR A 90 -6.56 15.22 21.90
C TYR A 90 -7.87 15.78 22.49
N VAL A 91 -7.76 16.69 23.46
CA VAL A 91 -8.92 17.31 24.09
C VAL A 91 -9.07 18.74 23.56
N PHE A 92 -10.21 19.05 22.92
CA PHE A 92 -10.48 20.36 22.35
C PHE A 92 -10.68 21.43 23.41
N GLU A 93 -10.05 22.60 23.21
CA GLU A 93 -10.13 23.76 24.10
C GLU A 93 -10.86 24.93 23.37
N ARG A 94 -12.21 25.00 23.48
CA ARG A 94 -12.98 26.03 22.78
C ARG A 94 -12.56 27.44 23.12
N ASP A 95 -12.20 27.68 24.40
CA ASP A 95 -11.74 28.98 24.92
C ASP A 95 -10.41 29.45 24.25
N GLN A 96 -9.58 28.50 23.76
CA GLN A 96 -8.32 28.82 23.11
C GLN A 96 -8.41 28.63 21.58
N SER A 97 -9.64 28.50 21.03
CA SER A 97 -9.88 28.30 19.59
C SER A 97 -10.75 29.38 18.89
N VAL A 98 -10.56 29.50 17.55
CA VAL A 98 -11.19 30.47 16.66
C VAL A 98 -12.74 30.28 16.60
N GLY A 99 -13.20 29.02 16.66
CA GLY A 99 -14.61 28.63 16.63
C GLY A 99 -14.84 27.16 16.94
N ASP A 100 -16.10 26.65 16.81
CA ASP A 100 -16.41 25.23 17.05
C ASP A 100 -16.11 24.37 15.79
N PRO A 101 -15.19 23.36 15.88
CA PRO A 101 -14.86 22.52 14.73
C PRO A 101 -15.99 21.57 14.29
N LYS A 102 -17.01 21.47 15.14
CA LYS A 102 -18.17 20.63 14.85
C LYS A 102 -19.20 21.40 14.05
N ILE A 103 -18.97 22.71 13.83
CA ILE A 103 -19.85 23.62 13.07
C ILE A 103 -19.09 24.29 11.92
N ASP A 104 -17.95 24.93 12.22
CA ASP A 104 -17.09 25.64 11.26
C ASP A 104 -16.75 24.77 10.05
N LEU A 105 -17.04 25.28 8.84
CA LEU A 105 -16.78 24.52 7.61
C LEU A 105 -15.56 24.99 6.89
N ILE A 106 -14.86 24.04 6.21
CA ILE A 106 -13.72 24.36 5.39
C ILE A 106 -13.91 23.76 4.01
N ARG A 107 -13.73 24.59 2.97
CA ARG A 107 -13.79 24.19 1.58
C ARG A 107 -12.35 24.04 1.11
N THR A 108 -11.89 22.79 0.89
CA THR A 108 -10.55 22.47 0.39
C THR A 108 -10.65 21.29 -0.60
N LEU A 109 -9.51 20.67 -0.98
CA LEU A 109 -9.51 19.58 -1.95
C LEU A 109 -10.06 18.25 -1.43
N ASN A 110 -10.75 17.48 -2.31
CA ASN A 110 -11.25 16.12 -2.01
C ASN A 110 -10.03 15.18 -2.08
N ILE A 111 -9.29 15.05 -0.95
CA ILE A 111 -8.10 14.21 -0.85
C ILE A 111 -8.42 12.73 -1.23
N PRO A 112 -9.54 12.09 -0.73
CA PRO A 112 -9.89 10.75 -1.20
C PRO A 112 -10.01 10.62 -2.72
N VAL A 113 -10.70 11.58 -3.43
CA VAL A 113 -10.74 11.41 -4.89
C VAL A 113 -9.35 11.62 -5.50
N LEU A 114 -8.57 12.58 -4.98
CA LEU A 114 -7.24 12.78 -5.51
C LEU A 114 -6.31 11.55 -5.37
N THR A 115 -6.46 10.80 -4.23
CA THR A 115 -5.72 9.60 -3.86
C THR A 115 -6.11 8.55 -4.80
N VAL A 116 -7.43 8.24 -4.93
CA VAL A 116 -7.91 7.16 -5.81
C VAL A 116 -7.55 7.42 -7.26
N ILE A 117 -7.47 8.72 -7.68
CA ILE A 117 -7.06 9.06 -9.06
C ILE A 117 -5.59 8.62 -9.23
N GLU A 118 -4.72 8.97 -8.28
CA GLU A 118 -3.33 8.56 -8.25
C GLU A 118 -3.16 7.00 -8.28
N TRP A 119 -4.09 6.26 -7.61
CA TRP A 119 -4.03 4.79 -7.61
C TRP A 119 -4.35 4.34 -9.01
N SER A 120 -5.41 4.94 -9.62
CA SER A 120 -5.86 4.63 -10.97
C SER A 120 -4.66 4.66 -11.95
N GLN A 121 -3.79 5.70 -11.78
CA GLN A 121 -2.66 5.98 -12.65
C GLN A 121 -1.57 4.98 -12.57
N VAL A 122 -1.21 4.55 -11.36
CA VAL A 122 -0.17 3.54 -11.14
C VAL A 122 -0.69 2.13 -11.42
N HIS A 123 -1.92 2.06 -11.91
CA HIS A 123 -2.66 0.88 -12.31
C HIS A 123 -3.03 -0.02 -11.13
N PHE A 124 -3.49 0.59 -10.05
CA PHE A 124 -4.00 -0.12 -8.87
C PHE A 124 -5.52 0.19 -8.84
N LEU A 125 -6.37 -0.84 -9.12
CA LEU A 125 -7.84 -0.72 -9.15
C LEU A 125 -8.29 0.32 -10.19
N ARG A 126 -7.61 0.38 -11.36
CA ARG A 126 -7.93 1.34 -12.42
C ARG A 126 -9.39 1.18 -12.84
N GLU A 127 -9.76 -0.07 -13.26
CA GLU A 127 -11.07 -0.53 -13.74
C GLU A 127 -12.27 -0.14 -12.86
N ILE A 128 -12.17 -0.42 -11.53
CA ILE A 128 -13.19 -0.11 -10.53
C ILE A 128 -13.19 1.36 -10.34
N ILE A 129 -12.07 1.97 -9.87
CA ILE A 129 -12.00 3.43 -9.62
C ILE A 129 -12.63 4.25 -10.78
N GLU A 130 -12.19 3.99 -12.04
CA GLU A 130 -12.71 4.69 -13.23
C GLU A 130 -14.23 4.57 -13.32
N ALA A 131 -14.75 3.33 -13.34
CA ALA A 131 -16.16 2.99 -13.36
C ALA A 131 -16.96 3.74 -12.27
N MET A 132 -16.57 3.72 -10.98
CA MET A 132 -17.37 4.46 -9.99
C MET A 132 -17.23 5.98 -10.08
N LEU A 133 -16.07 6.51 -10.53
CA LEU A 133 -15.92 7.97 -10.71
C LEU A 133 -16.83 8.46 -11.88
N LYS A 134 -17.15 7.52 -12.81
CA LYS A 134 -18.02 7.73 -13.98
C LYS A 134 -19.51 7.65 -13.53
N ALA A 135 -19.84 6.64 -12.69
CA ALA A 135 -21.18 6.40 -12.15
C ALA A 135 -21.60 7.41 -11.09
N TYR A 136 -20.62 7.96 -10.33
CA TYR A 136 -20.83 8.89 -9.21
C TYR A 136 -19.92 10.09 -9.37
N GLN A 137 -20.42 11.12 -10.06
CA GLN A 137 -19.67 12.35 -10.35
C GLN A 137 -19.28 13.02 -9.03
N GLN A 138 -17.95 13.14 -8.80
CA GLN A 138 -17.35 13.75 -7.62
C GLN A 138 -16.72 15.10 -7.99
N LYS A 139 -16.66 16.02 -7.01
CA LYS A 139 -16.05 17.34 -7.19
C LYS A 139 -14.66 17.33 -6.61
N LEU A 140 -13.77 18.13 -7.21
CA LEU A 140 -12.36 18.25 -6.74
C LEU A 140 -12.26 19.08 -5.43
N PHE A 141 -13.13 20.10 -5.29
CA PHE A 141 -13.28 20.94 -4.10
C PHE A 141 -14.51 20.52 -3.35
N VAL A 142 -14.38 20.33 -2.05
CA VAL A 142 -15.40 19.79 -1.16
C VAL A 142 -15.48 20.60 0.18
N THR A 143 -16.68 20.78 0.77
CA THR A 143 -16.88 21.50 2.05
C THR A 143 -17.21 20.51 3.20
N HIS A 144 -16.51 20.62 4.34
CA HIS A 144 -16.69 19.76 5.51
C HIS A 144 -16.43 20.48 6.81
N THR A 145 -16.96 19.96 7.95
CA THR A 145 -16.65 20.56 9.26
C THR A 145 -15.16 20.29 9.55
N VAL A 146 -14.54 21.15 10.37
CA VAL A 146 -13.13 21.01 10.76
C VAL A 146 -12.93 19.60 11.32
N ASP A 147 -13.83 19.17 12.25
CA ASP A 147 -13.85 17.86 12.89
C ASP A 147 -13.93 16.72 11.87
N GLU A 148 -14.68 16.93 10.75
CA GLU A 148 -14.80 15.95 9.67
C GLU A 148 -13.45 15.77 8.97
N LEU A 149 -12.74 16.87 8.65
CA LEU A 149 -11.44 16.81 7.98
C LEU A 149 -10.37 16.28 8.89
N LEU A 150 -10.41 16.69 10.15
CA LEU A 150 -9.43 16.31 11.12
C LEU A 150 -9.56 14.88 11.58
N TRP A 151 -10.72 14.50 12.11
CA TRP A 151 -10.84 13.18 12.71
C TRP A 151 -11.58 12.16 11.88
N GLY A 152 -12.34 12.58 10.86
CA GLY A 152 -12.96 11.58 10.01
C GLY A 152 -14.33 11.87 9.44
N TYR A 153 -14.53 11.40 8.20
CA TYR A 153 -15.79 11.44 7.45
C TYR A 153 -15.86 10.23 6.54
N LYS A 154 -17.07 9.77 6.22
CA LYS A 154 -17.24 8.62 5.35
C LYS A 154 -17.25 9.12 3.90
N ASP A 155 -16.26 8.70 3.07
CA ASP A 155 -16.23 9.13 1.67
C ASP A 155 -17.01 8.17 0.78
N GLU A 156 -17.90 8.71 -0.06
CA GLU A 156 -18.74 7.99 -1.02
C GLU A 156 -17.93 6.99 -1.86
N ILE A 157 -16.79 7.41 -2.46
CA ILE A 157 -15.99 6.54 -3.32
C ILE A 157 -15.26 5.45 -2.50
N LEU A 158 -14.70 5.84 -1.34
CA LEU A 158 -14.05 4.88 -0.46
C LEU A 158 -15.04 3.81 0.06
N SER A 159 -16.32 4.20 0.31
CA SER A 159 -17.37 3.29 0.79
C SER A 159 -17.68 2.24 -0.26
N LEU A 160 -17.71 2.71 -1.50
CA LEU A 160 -17.93 1.92 -2.69
C LEU A 160 -16.77 0.94 -2.83
N ILE A 161 -15.52 1.45 -2.82
CA ILE A 161 -14.30 0.63 -2.92
C ILE A 161 -14.22 -0.39 -1.77
N HIS A 162 -14.73 -0.02 -0.57
CA HIS A 162 -14.74 -0.88 0.62
C HIS A 162 -15.61 -2.13 0.43
N VAL A 163 -16.65 -2.04 -0.45
CA VAL A 163 -17.53 -3.17 -0.76
C VAL A 163 -16.71 -4.25 -1.45
N PHE A 164 -15.74 -3.84 -2.31
CA PHE A 164 -14.84 -4.72 -3.06
C PHE A 164 -13.61 -5.11 -2.25
N ARG A 165 -12.98 -4.11 -1.63
CA ARG A 165 -11.74 -4.19 -0.87
C ARG A 165 -11.97 -3.86 0.60
N PRO A 166 -12.34 -4.88 1.43
CA PRO A 166 -12.59 -4.64 2.86
C PRO A 166 -11.40 -4.09 3.65
N ASP A 167 -10.20 -4.24 3.08
CA ASP A 167 -8.95 -3.75 3.67
C ASP A 167 -8.82 -2.23 3.52
N ILE A 168 -9.58 -1.60 2.61
CA ILE A 168 -9.58 -0.15 2.38
C ILE A 168 -10.71 0.48 3.24
N SER A 169 -10.37 1.43 4.15
CA SER A 169 -11.33 2.09 5.04
C SER A 169 -12.26 3.02 4.27
N PRO A 170 -13.60 3.03 4.54
CA PRO A 170 -14.47 4.02 3.86
C PRO A 170 -14.24 5.42 4.43
N TYR A 171 -13.64 5.49 5.63
CA TYR A 171 -13.37 6.72 6.37
C TYR A 171 -12.10 7.39 6.01
N PHE A 172 -12.20 8.73 5.84
CA PHE A 172 -11.06 9.62 5.60
C PHE A 172 -11.00 10.78 6.59
N GLY A 173 -9.78 11.11 7.00
CA GLY A 173 -9.44 12.20 7.90
C GLY A 173 -7.94 12.37 7.93
N LEU A 174 -7.47 13.64 7.97
CA LEU A 174 -6.06 13.99 8.04
C LEU A 174 -5.46 13.44 9.32
N PHE A 175 -6.28 13.18 10.36
CA PHE A 175 -5.81 12.63 11.63
C PHE A 175 -6.69 11.47 12.11
N TYR A 176 -7.39 10.78 11.17
CA TYR A 176 -8.29 9.65 11.41
C TYR A 176 -7.59 8.56 12.17
N GLU A 177 -8.26 8.04 13.22
CA GLU A 177 -7.77 6.95 14.08
C GLU A 177 -6.44 7.26 14.80
N LYS A 178 -6.03 8.54 14.84
CA LYS A 178 -4.78 8.94 15.51
C LYS A 178 -5.02 9.30 16.96
N ASN A 179 -6.31 9.44 17.35
CA ASN A 179 -6.67 9.75 18.73
C ASN A 179 -6.68 8.47 19.56
N GLY A 180 -5.91 8.47 20.65
CA GLY A 180 -5.78 7.34 21.55
C GLY A 180 -4.68 6.36 21.22
N THR A 181 -3.85 6.66 20.20
CA THR A 181 -2.77 5.74 19.79
C THR A 181 -1.39 6.18 20.24
N ASN A 182 -0.45 5.18 20.34
CA ASN A 182 0.95 5.34 20.77
C ASN A 182 1.82 6.03 19.70
N ASP A 183 1.41 7.26 19.39
CA ASP A 183 2.07 8.16 18.47
C ASP A 183 3.18 8.90 19.27
N GLY A 184 4.15 9.48 18.56
CA GLY A 184 5.25 10.19 19.21
C GLY A 184 6.57 9.97 18.52
N ASP A 185 7.36 11.05 18.36
CA ASP A 185 8.65 11.11 17.65
C ASP A 185 9.81 10.45 18.42
N TYR A 186 10.99 10.29 17.77
CA TYR A 186 12.20 9.70 18.33
C TYR A 186 13.36 10.61 17.99
N VAL A 187 14.12 11.08 19.00
CA VAL A 187 15.22 12.00 18.76
C VAL A 187 16.52 11.37 19.24
N PHE A 188 17.51 11.23 18.32
CA PHE A 188 18.81 10.58 18.55
C PHE A 188 19.96 11.59 18.44
N LEU A 189 21.10 11.30 19.09
CA LEU A 189 22.28 12.16 19.02
C LEU A 189 23.39 11.56 18.18
N THR A 199 25.82 8.07 20.60
CA THR A 199 24.48 7.89 20.08
C THR A 199 23.45 7.68 21.25
N LYS A 200 23.11 8.77 21.97
CA LYS A 200 22.14 8.77 23.08
C LYS A 200 20.74 9.16 22.57
N ILE A 201 19.71 8.63 23.22
CA ILE A 201 18.31 8.86 22.84
C ILE A 201 17.65 9.86 23.76
N VAL A 202 17.15 10.96 23.19
CA VAL A 202 16.36 11.97 23.89
C VAL A 202 14.98 11.91 23.23
N GLU A 203 13.97 11.22 23.83
CA GLU A 203 12.57 11.06 23.33
C GLU A 203 12.02 9.64 23.48
N TRP A 204 11.87 8.91 22.36
CA TRP A 204 11.29 7.56 22.29
C TRP A 204 9.80 7.69 22.66
N ASN A 205 9.02 8.37 21.80
CA ASN A 205 7.60 8.79 21.95
C ASN A 205 7.47 10.01 22.91
N GLY A 206 8.31 10.06 23.94
CA GLY A 206 8.39 11.10 24.96
C GLY A 206 9.34 10.69 26.07
N LYS A 207 10.19 11.64 26.61
CA LYS A 207 11.17 11.39 27.70
C LYS A 207 11.56 12.61 28.55
N THR A 208 11.73 12.41 29.90
CA THR A 208 12.10 13.41 30.95
C THR A 208 13.16 12.84 31.93
N SER A 209 12.87 12.95 33.27
CA SER A 209 13.64 12.51 34.45
C SER A 209 12.81 11.50 35.25
N PRO A 231 23.61 12.99 29.02
CA PRO A 231 23.13 13.36 27.67
C PRO A 231 23.92 14.53 27.08
N LEU A 232 24.91 15.05 27.84
CA LEU A 232 25.81 16.17 27.54
C LEU A 232 26.00 16.44 26.02
N ILE A 233 25.11 17.30 25.48
CA ILE A 233 25.11 17.74 24.09
C ILE A 233 26.05 18.95 23.96
N THR A 234 26.76 19.06 22.83
CA THR A 234 27.61 20.20 22.46
C THR A 234 27.08 20.83 21.18
N LYS A 235 27.45 22.11 20.88
CA LYS A 235 26.96 22.81 19.69
C LYS A 235 27.28 22.06 18.37
N ASP A 236 28.26 21.14 18.41
CA ASP A 236 28.77 20.32 17.30
C ASP A 236 27.84 19.12 16.93
N GLU A 237 27.08 18.60 17.92
CA GLU A 237 26.18 17.46 17.73
C GLU A 237 24.96 17.86 16.92
N VAL A 238 24.48 16.88 16.13
CA VAL A 238 23.29 16.89 15.25
C VAL A 238 22.25 15.97 15.89
N LEU A 239 20.97 16.31 15.73
CA LEU A 239 19.90 15.46 16.25
C LEU A 239 19.09 14.86 15.12
N TYR A 240 18.92 13.53 15.16
CA TYR A 240 18.15 12.82 14.16
C TYR A 240 16.76 12.56 14.63
N VAL A 241 15.79 12.88 13.81
CA VAL A 241 14.40 12.67 14.21
C VAL A 241 13.63 11.68 13.32
N PHE A 242 12.89 10.73 13.95
CA PHE A 242 12.00 9.77 13.31
C PHE A 242 10.54 10.00 13.68
N PRO A 243 9.61 9.84 12.73
CA PRO A 243 8.22 10.11 13.02
C PRO A 243 7.33 8.99 13.58
N SER A 244 7.86 7.91 14.19
CA SER A 244 7.03 6.79 14.73
C SER A 244 6.54 5.85 13.65
N ASP A 245 6.03 6.40 12.50
CA ASP A 245 5.68 5.61 11.32
C ASP A 245 7.02 5.23 10.65
N PHE A 246 8.14 5.80 11.19
CA PHE A 246 9.54 5.60 10.84
C PHE A 246 9.84 5.74 9.36
N CYS A 247 8.95 6.39 8.57
CA CYS A 247 9.08 6.45 7.12
C CYS A 247 10.34 7.12 6.66
N ARG A 248 10.53 8.36 7.10
CA ARG A 248 11.68 9.17 6.74
C ARG A 248 12.33 9.79 7.99
N SER A 249 13.55 10.35 7.87
CA SER A 249 14.18 11.05 8.99
C SER A 249 14.36 12.51 8.59
N VAL A 250 14.66 13.37 9.58
CA VAL A 250 14.93 14.78 9.44
C VAL A 250 16.03 15.03 10.46
N TYR A 251 17.05 15.80 10.11
CA TYR A 251 18.08 16.16 11.09
C TYR A 251 18.00 17.66 11.39
N ILE A 252 18.13 18.01 12.67
CA ILE A 252 18.09 19.37 13.22
C ILE A 252 19.46 19.68 13.77
N THR A 253 20.03 20.82 13.38
CA THR A 253 21.36 21.28 13.80
C THR A 253 21.25 22.51 14.71
N PHE A 254 22.30 22.75 15.52
CA PHE A 254 22.34 23.88 16.46
C PHE A 254 22.27 25.22 15.78
N SER A 255 21.27 26.04 16.18
CA SER A 255 21.04 27.40 15.71
C SER A 255 21.70 28.45 16.64
N ASP A 256 21.41 28.44 17.99
CA ASP A 256 22.00 29.36 18.97
C ASP A 256 21.73 29.02 20.43
N TYR A 257 22.32 29.82 21.34
CA TYR A 257 22.16 29.70 22.80
C TYR A 257 20.98 30.50 23.29
N GLU A 258 20.12 29.84 24.06
CA GLU A 258 18.89 30.38 24.64
C GLU A 258 18.84 30.06 26.12
N SER A 259 17.93 30.73 26.85
CA SER A 259 17.60 30.43 28.24
C SER A 259 16.10 30.19 28.22
N VAL A 260 15.62 29.20 29.00
CA VAL A 260 14.21 28.82 29.06
C VAL A 260 13.86 28.65 30.54
N GLN A 261 13.03 29.56 31.05
CA GLN A 261 12.62 29.63 32.46
C GLN A 261 13.84 29.65 33.37
N GLY A 262 14.92 30.24 32.86
CA GLY A 262 16.18 30.36 33.58
C GLY A 262 17.22 29.33 33.20
N LEU A 263 16.78 28.15 32.78
CA LEU A 263 17.68 27.06 32.38
C LEU A 263 18.38 27.29 31.04
N PRO A 264 19.70 26.99 30.93
CA PRO A 264 20.36 27.13 29.63
C PRO A 264 19.80 26.11 28.63
N ALA A 265 19.70 26.53 27.36
CA ALA A 265 19.14 25.74 26.28
C ALA A 265 19.94 25.99 25.03
N PHE A 266 19.76 25.11 24.03
CA PHE A 266 20.36 25.18 22.71
C PHE A 266 19.18 25.11 21.77
N ARG A 267 19.09 26.10 20.90
CA ARG A 267 18.02 26.21 19.92
C ARG A 267 18.45 25.40 18.70
N TYR A 268 17.68 24.36 18.39
CA TYR A 268 17.94 23.45 17.26
C TYR A 268 16.92 23.75 16.22
N LYS A 269 17.36 23.85 14.97
CA LYS A 269 16.49 24.22 13.86
C LYS A 269 16.75 23.30 12.65
N VAL A 270 15.71 23.04 11.81
CA VAL A 270 15.89 22.26 10.57
C VAL A 270 16.72 23.15 9.60
N PRO A 271 17.96 22.72 9.22
CA PRO A 271 18.81 23.57 8.36
C PRO A 271 18.30 23.78 6.94
N ALA A 272 18.91 24.76 6.22
CA ALA A 272 18.58 25.11 4.83
C ALA A 272 18.92 23.96 3.84
N GLU A 273 19.85 23.05 4.24
CA GLU A 273 20.36 21.88 3.51
C GLU A 273 19.28 20.83 3.09
N ILE A 274 18.05 20.91 3.65
CA ILE A 274 16.93 20.01 3.35
C ILE A 274 15.76 20.79 2.64
N LEU A 292 11.14 18.77 -8.05
CA LEU A 292 9.88 19.47 -7.71
C LEU A 292 10.15 20.97 -7.49
N GLY A 293 10.92 21.24 -6.45
CA GLY A 293 11.31 22.56 -5.98
C GLY A 293 11.82 22.39 -4.56
N SER A 294 12.79 23.23 -4.14
CA SER A 294 13.41 23.15 -2.81
C SER A 294 12.50 23.58 -1.66
N GLY A 295 12.70 22.96 -0.49
CA GLY A 295 11.94 23.31 0.70
C GLY A 295 10.57 22.67 0.87
N VAL A 296 10.26 21.65 0.02
CA VAL A 296 9.09 20.77 0.05
C VAL A 296 9.54 19.28 0.06
N LEU A 297 8.76 18.41 0.72
CA LEU A 297 9.08 16.99 0.84
C LEU A 297 7.98 16.06 0.32
N ASN A 298 8.25 15.29 -0.77
CA ASN A 298 7.22 14.41 -1.32
C ASN A 298 7.11 13.20 -0.40
N VAL A 299 5.91 12.92 0.07
CA VAL A 299 5.66 11.88 1.06
C VAL A 299 4.55 10.86 0.58
N SER A 300 4.31 10.74 -0.73
CA SER A 300 3.29 9.83 -1.25
C SER A 300 3.45 8.41 -0.74
N ILE A 301 4.70 7.86 -0.70
CA ILE A 301 4.97 6.49 -0.28
C ILE A 301 4.56 6.24 1.18
N CYS A 302 4.80 7.22 2.05
CA CYS A 302 4.43 7.20 3.47
C CYS A 302 2.93 7.32 3.64
N LYS A 303 2.20 7.79 2.61
CA LYS A 303 0.76 8.03 2.71
C LYS A 303 -0.12 7.19 1.73
N ASN A 304 0.15 5.92 1.62
CA ASN A 304 -0.68 5.05 0.77
C ASN A 304 -0.89 5.57 -0.68
N GLY A 305 0.14 6.18 -1.24
CA GLY A 305 0.10 6.68 -2.61
C GLY A 305 -0.67 7.97 -2.80
N ALA A 306 -1.30 8.51 -1.70
CA ALA A 306 -2.05 9.76 -1.71
C ALA A 306 -1.06 10.87 -2.08
N PRO A 307 -1.43 11.82 -2.96
CA PRO A 307 -0.45 12.85 -3.41
C PRO A 307 -0.03 13.91 -2.38
N ILE A 308 0.65 13.50 -1.29
CA ILE A 308 0.91 14.47 -0.22
C ILE A 308 2.31 15.06 -0.20
N ILE A 309 2.39 16.42 -0.21
CA ILE A 309 3.65 17.16 -0.08
C ILE A 309 3.75 17.83 1.29
N MET A 310 4.91 17.75 1.92
CA MET A 310 5.13 18.41 3.20
C MET A 310 5.87 19.71 3.01
N SER A 311 5.53 20.70 3.77
CA SER A 311 6.24 21.98 3.69
C SER A 311 6.24 22.64 5.04
N PHE A 312 7.00 23.74 5.18
CA PHE A 312 6.88 24.48 6.41
C PHE A 312 5.59 25.35 6.25
N PRO A 313 4.94 25.83 7.32
CA PRO A 313 3.73 26.66 7.12
C PRO A 313 4.03 27.81 6.15
N HIS A 314 3.07 28.09 5.27
CA HIS A 314 3.14 29.16 4.23
C HIS A 314 4.34 29.07 3.27
N PHE A 315 4.97 27.87 3.14
CA PHE A 315 6.12 27.66 2.27
C PHE A 315 7.32 28.49 2.70
N TYR A 316 7.50 28.57 4.04
CA TYR A 316 8.63 29.23 4.68
C TYR A 316 9.84 28.35 4.36
N GLN A 317 11.00 28.97 4.07
CA GLN A 317 12.26 28.28 3.70
C GLN A 317 12.16 27.48 2.36
N ALA A 318 11.06 27.60 1.62
CA ALA A 318 10.85 26.92 0.32
C ALA A 318 10.93 27.92 -0.83
N ASP A 319 11.21 27.42 -2.07
CA ASP A 319 11.30 28.24 -3.30
C ASP A 319 10.16 29.28 -3.40
N GLU A 320 10.50 30.54 -3.76
CA GLU A 320 9.51 31.62 -3.91
C GLU A 320 8.36 31.17 -4.82
N ARG A 321 8.66 30.45 -5.92
CA ARG A 321 7.65 29.94 -6.86
C ARG A 321 6.43 29.32 -6.13
N PHE A 322 6.65 28.56 -5.01
CA PHE A 322 5.64 27.91 -4.18
C PHE A 322 4.67 28.84 -3.55
N VAL A 323 5.17 30.01 -3.12
CA VAL A 323 4.40 31.10 -2.47
C VAL A 323 3.52 31.78 -3.52
N SER A 324 4.15 32.38 -4.53
CA SER A 324 3.56 33.06 -5.67
C SER A 324 2.44 32.26 -6.37
N ALA A 325 2.54 30.94 -6.30
CA ALA A 325 1.59 30.00 -6.90
C ALA A 325 0.17 30.06 -6.29
N ILE A 326 0.11 30.35 -4.97
CA ILE A 326 -1.10 30.39 -4.13
C ILE A 326 -1.23 31.76 -3.47
N GLU A 327 -2.31 32.49 -3.80
CA GLU A 327 -2.54 33.78 -3.14
C GLU A 327 -3.10 33.50 -1.76
N GLY A 328 -2.44 34.03 -0.75
CA GLY A 328 -2.83 33.85 0.64
C GLY A 328 -1.71 33.43 1.55
N MET A 329 -0.59 32.97 0.93
CA MET A 329 0.63 32.53 1.60
C MET A 329 1.51 33.74 1.95
N HIS A 330 1.90 33.87 3.23
CA HIS A 330 2.71 35.00 3.69
C HIS A 330 3.64 34.48 4.77
N PRO A 331 4.73 33.78 4.37
CA PRO A 331 5.62 33.21 5.39
C PRO A 331 6.50 34.21 6.12
N ASN A 332 6.83 33.88 7.37
CA ASN A 332 7.72 34.63 8.24
C ASN A 332 8.30 33.67 9.25
N GLN A 333 9.57 33.88 9.58
CA GLN A 333 10.29 33.01 10.48
C GLN A 333 9.67 32.91 11.88
N GLU A 334 9.31 34.02 12.51
CA GLU A 334 8.77 33.98 13.86
C GLU A 334 7.54 33.04 14.02
N ASP A 335 6.65 32.99 13.01
CA ASP A 335 5.44 32.17 13.10
C ASP A 335 5.50 30.86 12.38
N HIS A 336 6.43 30.67 11.42
CA HIS A 336 6.40 29.43 10.66
C HIS A 336 7.65 28.52 10.81
N GLU A 337 8.66 28.94 11.58
CA GLU A 337 9.85 28.11 11.78
C GLU A 337 9.59 26.99 12.78
N THR A 338 10.34 25.89 12.64
CA THR A 338 10.33 24.77 13.55
C THR A 338 11.63 24.89 14.34
N PHE A 339 11.52 24.86 15.68
CA PHE A 339 12.67 24.90 16.57
C PHE A 339 12.47 23.96 17.75
N VAL A 340 13.55 23.66 18.46
CA VAL A 340 13.52 22.78 19.63
C VAL A 340 14.70 23.16 20.58
N ASP A 341 14.37 23.74 21.78
CA ASP A 341 15.31 24.20 22.83
C ASP A 341 15.64 23.07 23.81
N ILE A 342 16.83 22.44 23.66
CA ILE A 342 17.21 21.31 24.53
C ILE A 342 18.19 21.74 25.56
N ASN A 343 17.96 21.31 26.83
CA ASN A 343 18.89 21.60 27.92
C ASN A 343 20.18 20.80 27.66
N PRO A 344 21.34 21.49 27.54
CA PRO A 344 22.59 20.78 27.21
C PRO A 344 23.01 19.70 28.20
N LEU A 345 22.73 19.90 29.49
CA LEU A 345 23.14 18.94 30.51
C LEU A 345 22.32 17.67 30.57
N THR A 346 21.00 17.81 30.63
CA THR A 346 20.08 16.70 30.83
C THR A 346 19.47 16.09 29.59
N GLY A 347 19.55 16.79 28.46
CA GLY A 347 18.93 16.32 27.22
C GLY A 347 17.43 16.55 27.20
N ILE A 348 16.89 17.33 28.14
CA ILE A 348 15.45 17.56 28.21
C ILE A 348 14.99 18.70 27.27
N ILE A 349 13.93 18.44 26.45
CA ILE A 349 13.34 19.49 25.61
C ILE A 349 12.56 20.41 26.56
N LEU A 350 12.96 21.69 26.65
CA LEU A 350 12.32 22.66 27.52
C LEU A 350 11.18 23.45 26.84
N LYS A 351 11.34 23.75 25.54
CA LYS A 351 10.42 24.55 24.72
C LYS A 351 10.66 24.18 23.26
N ALA A 352 9.58 24.08 22.44
CA ALA A 352 9.68 23.68 21.03
C ALA A 352 8.44 23.94 20.20
N ALA A 353 8.60 23.99 18.88
CA ALA A 353 7.53 24.16 17.90
C ALA A 353 7.71 23.19 16.72
N LYS A 354 6.74 22.24 16.56
CA LYS A 354 6.65 21.29 15.44
C LYS A 354 5.67 22.04 14.56
N ARG A 355 6.21 22.62 13.49
CA ARG A 355 5.41 23.43 12.57
C ARG A 355 5.61 22.89 11.16
N PHE A 356 4.54 22.21 10.65
CA PHE A 356 4.52 21.62 9.32
C PHE A 356 3.19 21.83 8.66
N GLN A 357 3.15 21.67 7.33
CA GLN A 357 1.98 21.89 6.48
C GLN A 357 1.74 20.67 5.57
N ILE A 358 0.47 20.25 5.45
CA ILE A 358 0.04 19.20 4.53
C ILE A 358 -0.31 19.90 3.23
N ASN A 359 0.23 19.44 2.11
CA ASN A 359 -0.15 20.00 0.81
C ASN A 359 -0.54 18.84 -0.06
N ILE A 360 -1.24 19.11 -1.18
CA ILE A 360 -1.59 18.07 -2.15
C ILE A 360 -0.98 18.52 -3.46
N TYR A 361 -0.37 17.60 -4.21
CA TYR A 361 0.12 18.00 -5.52
C TYR A 361 -1.07 17.76 -6.43
N VAL A 362 -1.51 18.83 -6.99
CA VAL A 362 -2.65 18.83 -7.85
C VAL A 362 -2.20 19.24 -9.25
N LYS A 363 -2.62 18.44 -10.22
CA LYS A 363 -2.34 18.66 -11.65
C LYS A 363 -3.62 18.35 -12.41
N LYS A 364 -3.73 18.96 -13.63
CA LYS A 364 -4.82 18.75 -14.61
C LYS A 364 -4.66 17.41 -15.35
N LEU A 365 -5.72 16.59 -15.34
CA LEU A 365 -5.73 15.28 -15.99
C LEU A 365 -6.86 15.17 -16.95
N ASP A 366 -6.60 14.62 -18.14
CA ASP A 366 -7.59 14.50 -19.22
C ASP A 366 -8.60 13.39 -18.98
N ASP A 367 -8.20 12.29 -18.32
CA ASP A 367 -9.12 11.18 -18.06
C ASP A 367 -10.06 11.46 -16.90
N PHE A 368 -9.74 12.46 -16.07
CA PHE A 368 -10.56 12.84 -14.93
C PHE A 368 -11.03 14.25 -15.09
N VAL A 369 -12.22 14.40 -15.69
CA VAL A 369 -12.85 15.71 -15.95
C VAL A 369 -12.89 16.54 -14.66
N GLU A 370 -12.92 15.84 -13.50
CA GLU A 370 -12.93 16.36 -12.13
C GLU A 370 -12.00 17.56 -11.96
N THR A 371 -10.74 17.43 -12.48
CA THR A 371 -9.62 18.36 -12.42
C THR A 371 -9.76 19.66 -13.27
N GLY A 372 -10.69 19.72 -14.22
CA GLY A 372 -10.85 20.89 -15.10
C GLY A 372 -9.53 21.28 -15.72
N ASP A 373 -9.25 22.60 -15.83
CA ASP A 373 -7.98 23.10 -16.35
C ASP A 373 -7.09 23.69 -15.26
N ILE A 374 -7.10 23.00 -14.10
CA ILE A 374 -6.33 23.36 -12.92
C ILE A 374 -4.86 23.53 -13.27
N ARG A 375 -4.17 24.46 -12.61
CA ARG A 375 -2.72 24.68 -12.80
C ARG A 375 -1.99 23.56 -12.04
N THR A 376 -0.78 23.20 -12.47
CA THR A 376 -0.02 22.18 -11.74
C THR A 376 0.61 22.86 -10.51
N MET A 377 0.17 22.50 -9.28
CA MET A 377 0.70 23.18 -8.10
C MET A 377 0.69 22.35 -6.81
N VAL A 378 1.43 22.85 -5.80
CA VAL A 378 1.53 22.25 -4.48
C VAL A 378 0.56 23.13 -3.69
N PHE A 379 -0.70 22.61 -3.56
CA PHE A 379 -1.88 23.23 -2.95
C PHE A 379 -1.91 23.03 -1.43
N PRO A 380 -1.94 24.09 -0.63
CA PRO A 380 -1.95 23.89 0.83
C PRO A 380 -3.32 23.52 1.43
N VAL A 381 -3.34 22.50 2.31
CA VAL A 381 -4.60 22.13 2.98
C VAL A 381 -4.65 22.73 4.35
N MET A 382 -3.67 22.38 5.18
CA MET A 382 -3.65 22.86 6.56
C MET A 382 -2.28 22.72 7.13
N TYR A 383 -1.95 23.57 8.11
CA TYR A 383 -0.70 23.49 8.86
C TYR A 383 -0.98 23.40 10.36
N LEU A 384 -0.02 22.85 11.11
CA LEU A 384 -0.20 22.75 12.56
C LEU A 384 0.99 23.26 13.37
N ASN A 385 0.73 23.55 14.65
CA ASN A 385 1.77 23.87 15.60
C ASN A 385 1.69 22.97 16.85
N GLU A 386 2.58 21.91 16.94
CA GLU A 386 2.71 21.10 18.16
C GLU A 386 3.81 21.77 19.01
N SER A 387 3.39 22.35 20.13
CA SER A 387 4.21 23.13 21.03
C SER A 387 4.29 22.57 22.44
N VAL A 388 5.43 22.87 23.09
CA VAL A 388 5.73 22.50 24.46
C VAL A 388 6.45 23.69 25.13
N HIS A 389 6.20 23.90 26.45
CA HIS A 389 6.85 24.94 27.22
C HIS A 389 6.87 24.61 28.69
N ILE A 390 8.06 24.53 29.27
CA ILE A 390 8.26 24.26 30.70
C ILE A 390 7.75 25.44 31.52
N ASP A 391 6.94 25.16 32.55
CA ASP A 391 6.35 26.18 33.44
C ASP A 391 7.33 26.61 34.54
N LYS A 392 7.13 27.82 35.08
CA LYS A 392 7.96 28.40 36.14
C LYS A 392 8.28 27.41 37.26
N GLU A 393 7.27 26.65 37.75
CA GLU A 393 7.44 25.67 38.82
C GLU A 393 8.34 24.47 38.44
N THR A 394 7.95 23.69 37.39
CA THR A 394 8.71 22.48 36.98
C THR A 394 10.18 22.81 36.61
N ALA A 395 10.43 24.05 36.14
CA ALA A 395 11.77 24.54 35.80
C ALA A 395 12.61 24.74 37.07
N SER A 396 12.03 25.38 38.12
CA SER A 396 12.70 25.61 39.41
C SER A 396 12.81 24.32 40.28
N ARG A 397 12.05 23.26 39.91
CA ARG A 397 12.06 21.94 40.54
C ARG A 397 13.19 21.11 39.88
N LEU A 398 13.39 21.33 38.57
CA LEU A 398 14.41 20.69 37.75
C LEU A 398 15.79 21.27 38.11
N LYS A 399 15.86 22.62 38.29
CA LYS A 399 17.07 23.34 38.66
C LYS A 399 17.46 22.96 40.09
N SER A 400 16.45 22.60 40.94
CA SER A 400 16.62 22.12 42.32
C SER A 400 17.34 20.75 42.30
N MET A 401 17.11 19.94 41.23
CA MET A 401 17.77 18.65 41.00
C MET A 401 19.04 18.89 40.12
N ILE A 402 20.08 19.43 40.77
CA ILE A 402 21.40 19.78 40.23
C ILE A 402 22.40 19.88 41.38
N ASP B 24 -16.33 -26.80 12.91
CA ASP B 24 -17.21 -27.92 12.58
C ASP B 24 -17.91 -27.75 11.21
N SER B 25 -17.90 -26.51 10.66
CA SER B 25 -18.52 -26.11 9.38
C SER B 25 -17.78 -26.67 8.11
N TRP B 26 -17.75 -25.87 7.01
CA TRP B 26 -17.12 -26.13 5.69
C TRP B 26 -17.67 -27.36 4.96
N GLU B 27 -18.53 -27.10 3.95
CA GLU B 27 -19.18 -28.10 3.10
C GLU B 27 -18.41 -28.36 1.80
N LYS B 28 -18.79 -29.43 1.07
CA LYS B 28 -18.17 -29.79 -0.21
C LYS B 28 -18.83 -28.98 -1.35
N PRO B 29 -18.07 -28.33 -2.27
CA PRO B 29 -18.71 -27.54 -3.34
C PRO B 29 -19.56 -28.39 -4.31
N PRO B 30 -20.55 -27.78 -5.03
CA PRO B 30 -21.41 -28.56 -5.95
C PRO B 30 -20.62 -29.33 -7.02
N LEU B 31 -19.58 -28.66 -7.58
CA LEU B 31 -18.65 -29.22 -8.55
C LEU B 31 -17.27 -29.24 -7.91
N PRO B 32 -16.58 -30.40 -7.93
CA PRO B 32 -15.27 -30.48 -7.26
C PRO B 32 -14.18 -29.59 -7.87
N VAL B 33 -13.66 -28.67 -7.04
CA VAL B 33 -12.59 -27.75 -7.41
C VAL B 33 -11.30 -28.11 -6.67
N TYR B 34 -10.19 -28.11 -7.41
CA TYR B 34 -8.86 -28.49 -6.92
C TYR B 34 -7.81 -27.50 -7.39
N THR B 35 -6.89 -27.08 -6.47
CA THR B 35 -5.74 -26.24 -6.84
C THR B 35 -4.52 -27.10 -6.65
N GLN B 36 -3.70 -27.20 -7.71
CA GLN B 36 -2.44 -27.95 -7.66
C GLN B 36 -1.28 -27.00 -7.85
N PHE B 37 -0.30 -27.09 -6.97
CA PHE B 37 0.88 -26.23 -7.03
C PHE B 37 2.09 -27.01 -7.58
N TYR B 38 2.88 -26.32 -8.41
CA TYR B 38 4.05 -26.87 -9.09
C TYR B 38 5.20 -25.87 -8.89
N PHE B 39 6.23 -26.26 -8.16
CA PHE B 39 7.37 -25.37 -7.85
C PHE B 39 8.61 -25.59 -8.70
N PHE B 40 9.32 -24.51 -9.07
CA PHE B 40 10.56 -24.65 -9.79
C PHE B 40 11.74 -24.54 -8.80
N ASN B 41 12.38 -25.73 -8.53
CA ASN B 41 13.53 -25.95 -7.66
C ASN B 41 14.78 -25.49 -8.40
N VAL B 42 15.58 -24.57 -7.79
CA VAL B 42 16.79 -24.00 -8.40
C VAL B 42 17.97 -24.91 -8.14
N THR B 43 18.42 -25.62 -9.18
CA THR B 43 19.48 -26.61 -9.11
C THR B 43 20.87 -25.99 -9.09
N ASN B 44 21.07 -24.80 -9.69
CA ASN B 44 22.42 -24.22 -9.72
C ASN B 44 22.51 -22.78 -9.16
N PRO B 45 22.37 -22.57 -7.82
CA PRO B 45 22.34 -21.19 -7.31
C PRO B 45 23.69 -20.47 -7.39
N GLU B 46 24.78 -21.16 -7.02
CA GLU B 46 26.11 -20.55 -7.08
C GLU B 46 26.48 -20.26 -8.51
N GLU B 47 26.02 -21.11 -9.44
CA GLU B 47 26.28 -20.90 -10.85
C GLU B 47 25.50 -19.71 -11.41
N ILE B 48 24.30 -19.43 -10.85
CA ILE B 48 23.47 -18.27 -11.27
C ILE B 48 24.17 -16.98 -10.90
N LEU B 49 24.72 -16.90 -9.67
CA LEU B 49 25.44 -15.76 -9.12
C LEU B 49 26.70 -15.48 -9.91
N ARG B 50 27.28 -16.49 -10.55
CA ARG B 50 28.48 -16.29 -11.36
C ARG B 50 28.12 -16.01 -12.85
N GLY B 51 26.84 -15.77 -13.10
CA GLY B 51 26.33 -15.33 -14.40
C GLY B 51 25.81 -16.33 -15.39
N GLU B 52 25.79 -17.61 -15.03
CA GLU B 52 25.28 -18.66 -15.92
C GLU B 52 23.74 -18.65 -16.00
N THR B 53 23.19 -19.40 -16.98
CA THR B 53 21.75 -19.58 -17.20
C THR B 53 21.18 -20.43 -16.06
N PRO B 54 20.09 -20.00 -15.39
CA PRO B 54 19.48 -20.82 -14.35
C PRO B 54 18.96 -22.17 -14.86
N ARG B 55 19.09 -23.20 -14.02
CA ARG B 55 18.65 -24.55 -14.31
C ARG B 55 17.66 -24.85 -13.20
N VAL B 56 16.41 -25.05 -13.59
CA VAL B 56 15.32 -25.30 -12.66
C VAL B 56 14.71 -26.65 -12.93
N GLU B 57 14.10 -27.21 -11.89
CA GLU B 57 13.50 -28.52 -11.93
C GLU B 57 12.13 -28.43 -11.29
N GLU B 58 11.08 -28.74 -12.08
CA GLU B 58 9.67 -28.68 -11.70
C GLU B 58 9.30 -29.81 -10.76
N VAL B 59 8.80 -29.45 -9.58
CA VAL B 59 8.39 -30.31 -8.49
C VAL B 59 6.88 -30.14 -8.28
N GLY B 60 6.11 -31.19 -8.51
CA GLY B 60 4.67 -31.11 -8.35
C GLY B 60 3.91 -32.25 -8.97
N PRO B 61 2.57 -32.36 -8.77
CA PRO B 61 1.69 -31.44 -8.04
C PRO B 61 1.62 -31.65 -6.53
N TYR B 62 1.14 -30.59 -5.85
CA TYR B 62 0.82 -30.61 -4.43
C TYR B 62 -0.67 -30.24 -4.48
N THR B 63 -1.52 -31.30 -4.51
CA THR B 63 -2.97 -31.23 -4.69
C THR B 63 -3.71 -30.90 -3.43
N TYR B 64 -4.49 -29.81 -3.51
CA TYR B 64 -5.35 -29.28 -2.48
C TYR B 64 -6.78 -29.24 -3.04
N ARG B 65 -7.73 -29.83 -2.28
CA ARG B 65 -9.15 -29.87 -2.61
C ARG B 65 -9.83 -28.67 -1.93
N GLU B 66 -10.61 -27.89 -2.72
CA GLU B 66 -11.33 -26.72 -2.22
C GLU B 66 -12.59 -27.10 -1.46
N LEU B 67 -12.95 -26.29 -0.44
CA LEU B 67 -14.14 -26.48 0.38
C LEU B 67 -14.86 -25.17 0.63
N ARG B 68 -16.16 -25.11 0.29
CA ARG B 68 -16.97 -23.90 0.52
C ARG B 68 -18.05 -24.11 1.62
N ASN B 69 -18.02 -23.26 2.68
CA ASN B 69 -18.92 -23.28 3.85
C ASN B 69 -20.41 -23.16 3.52
N VAL B 85 -22.12 -14.26 2.30
CA VAL B 85 -20.68 -14.52 2.19
C VAL B 85 -20.40 -15.98 1.77
N SER B 86 -19.18 -16.24 1.25
CA SER B 86 -18.68 -17.55 0.78
C SER B 86 -17.13 -17.62 0.82
N ASN B 87 -16.58 -18.39 1.80
CA ASN B 87 -15.14 -18.57 2.00
C ASN B 87 -14.70 -19.96 1.53
N LYS B 88 -13.43 -20.09 1.13
CA LYS B 88 -12.88 -21.38 0.71
C LYS B 88 -11.68 -21.79 1.58
N ALA B 89 -11.53 -23.12 1.79
CA ALA B 89 -10.47 -23.75 2.55
C ALA B 89 -9.77 -24.76 1.67
N TYR B 90 -8.45 -24.87 1.81
CA TYR B 90 -7.65 -25.81 1.04
C TYR B 90 -7.27 -27.07 1.86
N VAL B 91 -7.78 -28.23 1.43
CA VAL B 91 -7.48 -29.50 2.11
C VAL B 91 -6.49 -30.30 1.27
N PHE B 92 -5.31 -30.59 1.84
CA PHE B 92 -4.25 -31.33 1.14
C PHE B 92 -4.61 -32.79 0.91
N GLU B 93 -4.35 -33.29 -0.31
CA GLU B 93 -4.60 -34.66 -0.73
C GLU B 93 -3.25 -35.36 -1.01
N ARG B 94 -2.64 -35.99 0.02
CA ARG B 94 -1.33 -36.65 -0.14
C ARG B 94 -1.31 -37.70 -1.23
N ASP B 95 -2.41 -38.48 -1.36
CA ASP B 95 -2.58 -39.52 -2.36
C ASP B 95 -2.55 -38.98 -3.82
N GLN B 96 -2.92 -37.68 -4.02
CA GLN B 96 -2.92 -37.05 -5.32
C GLN B 96 -1.74 -36.06 -5.49
N SER B 97 -0.74 -36.14 -4.59
CA SER B 97 0.45 -35.27 -4.61
C SER B 97 1.82 -36.01 -4.72
N VAL B 98 2.83 -35.27 -5.24
CA VAL B 98 4.19 -35.71 -5.52
C VAL B 98 4.94 -36.13 -4.21
N GLY B 99 4.68 -35.43 -3.10
CA GLY B 99 5.27 -35.70 -1.78
C GLY B 99 4.60 -34.91 -0.67
N ASP B 100 5.17 -34.96 0.57
CA ASP B 100 4.63 -34.20 1.71
C ASP B 100 5.19 -32.74 1.71
N PRO B 101 4.29 -31.70 1.61
CA PRO B 101 4.77 -30.31 1.61
C PRO B 101 5.34 -29.82 2.94
N LYS B 102 5.14 -30.62 3.99
CA LYS B 102 5.64 -30.32 5.31
C LYS B 102 7.06 -30.84 5.49
N ILE B 103 7.58 -31.58 4.48
CA ILE B 103 8.93 -32.16 4.45
C ILE B 103 9.72 -31.70 3.22
N ASP B 104 9.13 -31.86 2.01
CA ASP B 104 9.73 -31.51 0.72
C ASP B 104 10.21 -30.06 0.70
N LEU B 105 11.49 -29.84 0.37
CA LEU B 105 12.08 -28.52 0.34
C LEU B 105 12.21 -27.95 -1.06
N ILE B 106 12.09 -26.62 -1.19
CA ILE B 106 12.31 -25.95 -2.45
C ILE B 106 13.30 -24.80 -2.24
N ARG B 107 14.34 -24.78 -3.09
CA ARG B 107 15.34 -23.73 -3.12
C ARG B 107 14.97 -22.78 -4.26
N THR B 108 14.50 -21.56 -3.92
CA THR B 108 14.14 -20.52 -4.88
C THR B 108 14.61 -19.15 -4.32
N LEU B 109 14.13 -18.02 -4.93
CA LEU B 109 14.54 -16.69 -4.50
C LEU B 109 13.92 -16.20 -3.17
N ASN B 110 14.70 -15.41 -2.39
CA ASN B 110 14.21 -14.79 -1.15
C ASN B 110 13.32 -13.56 -1.53
N ILE B 111 12.01 -13.82 -1.79
CA ILE B 111 11.03 -12.81 -2.16
C ILE B 111 10.97 -11.69 -1.09
N PRO B 112 10.91 -11.97 0.25
CA PRO B 112 10.95 -10.88 1.23
C PRO B 112 12.13 -9.94 1.10
N VAL B 113 13.39 -10.43 0.95
CA VAL B 113 14.43 -9.39 0.91
C VAL B 113 14.35 -8.52 -0.34
N LEU B 114 13.89 -9.04 -1.48
CA LEU B 114 13.80 -8.27 -2.72
C LEU B 114 12.67 -7.20 -2.66
N THR B 115 11.64 -7.51 -1.83
CA THR B 115 10.50 -6.64 -1.59
C THR B 115 10.98 -5.52 -0.71
N VAL B 116 11.64 -5.83 0.44
CA VAL B 116 12.12 -4.79 1.35
C VAL B 116 13.24 -3.96 0.69
N ILE B 117 13.93 -4.51 -0.34
CA ILE B 117 14.95 -3.76 -1.08
C ILE B 117 14.19 -2.73 -1.96
N GLU B 118 13.13 -3.18 -2.66
CA GLU B 118 12.28 -2.36 -3.51
C GLU B 118 11.69 -1.19 -2.72
N TRP B 119 11.34 -1.47 -1.45
CA TRP B 119 10.77 -0.50 -0.52
C TRP B 119 11.81 0.56 -0.23
N SER B 120 13.08 0.13 0.07
CA SER B 120 14.26 0.96 0.35
C SER B 120 14.45 2.02 -0.77
N GLN B 121 14.32 1.56 -2.04
CA GLN B 121 14.55 2.31 -3.27
C GLN B 121 13.58 3.43 -3.46
N VAL B 122 12.27 3.18 -3.25
CA VAL B 122 11.22 4.17 -3.41
C VAL B 122 11.15 5.10 -2.20
N HIS B 123 12.12 4.96 -1.31
CA HIS B 123 12.35 5.73 -0.09
C HIS B 123 11.23 5.50 0.97
N PHE B 124 10.86 4.24 1.17
CA PHE B 124 9.93 3.82 2.21
C PHE B 124 10.76 3.00 3.21
N LEU B 125 11.02 3.58 4.42
CA LEU B 125 11.84 2.94 5.49
C LEU B 125 13.28 2.60 4.99
N ARG B 126 13.94 3.53 4.27
CA ARG B 126 15.29 3.28 3.72
C ARG B 126 16.28 3.16 4.85
N GLU B 127 16.27 4.15 5.77
CA GLU B 127 17.12 4.22 6.95
C GLU B 127 17.20 2.90 7.76
N ILE B 128 16.02 2.35 8.14
CA ILE B 128 15.85 1.12 8.90
C ILE B 128 16.25 -0.01 8.02
N ILE B 129 15.52 -0.24 6.89
CA ILE B 129 15.82 -1.38 6.00
C ILE B 129 17.34 -1.52 5.72
N GLU B 130 18.01 -0.42 5.30
CA GLU B 130 19.44 -0.42 5.00
C GLU B 130 20.25 -0.94 6.19
N ALA B 131 20.10 -0.28 7.36
CA ALA B 131 20.71 -0.64 8.62
C ALA B 131 20.55 -2.14 8.95
N MET B 132 19.33 -2.72 8.95
CA MET B 132 19.23 -4.14 9.28
C MET B 132 19.74 -5.08 8.19
N LEU B 133 19.69 -4.69 6.89
CA LEU B 133 20.26 -5.52 5.83
C LEU B 133 21.83 -5.56 5.93
N LYS B 134 22.39 -4.52 6.57
CA LYS B 134 23.81 -4.37 6.83
C LYS B 134 24.20 -5.22 8.09
N ALA B 135 23.37 -5.13 9.17
CA ALA B 135 23.53 -5.86 10.43
C ALA B 135 23.26 -7.35 10.31
N TYR B 136 22.35 -7.74 9.39
CA TYR B 136 21.92 -9.13 9.17
C TYR B 136 22.03 -9.49 7.67
N GLN B 137 23.19 -10.08 7.28
CA GLN B 137 23.45 -10.48 5.89
C GLN B 137 22.50 -11.57 5.47
N GLN B 138 21.76 -11.29 4.38
CA GLN B 138 20.76 -12.17 3.79
C GLN B 138 21.23 -12.75 2.45
N LYS B 139 20.73 -13.95 2.08
CA LYS B 139 21.07 -14.63 0.82
C LYS B 139 19.93 -14.43 -0.18
N LEU B 140 20.28 -14.38 -1.47
CA LEU B 140 19.34 -14.21 -2.60
C LEU B 140 18.53 -15.49 -2.85
N PHE B 141 19.18 -16.67 -2.73
CA PHE B 141 18.59 -18.00 -2.86
C PHE B 141 18.44 -18.57 -1.47
N VAL B 142 17.25 -19.11 -1.19
CA VAL B 142 16.82 -19.61 0.11
C VAL B 142 16.08 -20.98 0.00
N THR B 143 16.27 -21.93 0.96
CA THR B 143 15.58 -23.24 0.96
C THR B 143 14.47 -23.30 2.05
N HIS B 144 13.24 -23.75 1.69
CA HIS B 144 12.08 -23.84 2.60
C HIS B 144 11.16 -24.99 2.26
N THR B 145 10.33 -25.47 3.24
CA THR B 145 9.33 -26.51 2.94
C THR B 145 8.27 -25.90 2.01
N VAL B 146 7.61 -26.74 1.19
CA VAL B 146 6.56 -26.31 0.27
C VAL B 146 5.51 -25.51 1.08
N ASP B 147 5.07 -26.09 2.23
CA ASP B 147 4.10 -25.50 3.17
C ASP B 147 4.57 -24.14 3.69
N GLU B 148 5.90 -23.96 3.89
CA GLU B 148 6.51 -22.70 4.32
C GLU B 148 6.33 -21.64 3.23
N LEU B 149 6.62 -21.98 1.95
CA LEU B 149 6.48 -21.04 0.84
C LEU B 149 5.04 -20.73 0.53
N LEU B 150 4.20 -21.75 0.61
CA LEU B 150 2.79 -21.62 0.29
C LEU B 150 2.00 -20.91 1.36
N TRP B 151 2.03 -21.40 2.59
CA TRP B 151 1.15 -20.85 3.59
C TRP B 151 1.83 -19.92 4.60
N GLY B 152 3.16 -19.96 4.70
CA GLY B 152 3.81 -18.99 5.57
C GLY B 152 5.04 -19.43 6.34
N TYR B 153 5.99 -18.49 6.47
CA TYR B 153 7.22 -18.59 7.25
C TYR B 153 7.57 -17.24 7.83
N LYS B 154 8.26 -17.22 8.96
CA LYS B 154 8.64 -15.97 9.60
C LYS B 154 9.97 -15.50 8.98
N ASP B 155 9.98 -14.34 8.30
CA ASP B 155 11.23 -13.84 7.71
C ASP B 155 11.98 -12.94 8.70
N GLU B 156 13.28 -13.20 8.88
CA GLU B 156 14.19 -12.48 9.78
C GLU B 156 14.09 -10.96 9.62
N ILE B 157 14.21 -10.47 8.39
CA ILE B 157 14.20 -9.03 8.13
C ILE B 157 12.83 -8.43 8.40
N LEU B 158 11.72 -9.12 7.99
CA LEU B 158 10.33 -8.70 8.19
C LEU B 158 9.95 -8.59 9.69
N SER B 159 10.38 -9.60 10.47
CA SER B 159 10.18 -9.68 11.93
C SER B 159 10.82 -8.48 12.63
N LEU B 160 12.02 -8.07 12.13
CA LEU B 160 12.79 -6.92 12.57
C LEU B 160 11.97 -5.65 12.25
N ILE B 161 11.56 -5.47 10.98
CA ILE B 161 10.73 -4.34 10.52
C ILE B 161 9.44 -4.21 11.40
N HIS B 162 8.81 -5.37 11.76
CA HIS B 162 7.61 -5.46 12.60
C HIS B 162 7.81 -4.86 14.02
N VAL B 163 9.02 -4.95 14.56
CA VAL B 163 9.31 -4.37 15.88
C VAL B 163 9.02 -2.87 15.81
N PHE B 164 9.35 -2.24 14.66
CA PHE B 164 9.15 -0.80 14.39
C PHE B 164 7.75 -0.49 13.86
N ARG B 165 7.30 -1.29 12.87
CA ARG B 165 6.06 -1.15 12.15
C ARG B 165 5.16 -2.36 12.40
N PRO B 166 4.33 -2.33 13.46
CA PRO B 166 3.45 -3.48 13.77
C PRO B 166 2.43 -3.81 12.71
N ASP B 167 2.20 -2.89 11.77
CA ASP B 167 1.30 -3.10 10.64
C ASP B 167 1.94 -4.00 9.57
N ILE B 168 3.29 -4.09 9.55
CA ILE B 168 3.98 -4.92 8.59
C ILE B 168 4.19 -6.30 9.20
N SER B 169 3.54 -7.35 8.63
CA SER B 169 3.59 -8.74 9.13
C SER B 169 5.01 -9.34 9.02
N PRO B 170 5.49 -10.07 10.07
CA PRO B 170 6.81 -10.72 9.95
C PRO B 170 6.75 -11.94 9.04
N TYR B 171 5.52 -12.44 8.78
CA TYR B 171 5.23 -13.63 8.00
C TYR B 171 5.14 -13.41 6.54
N PHE B 172 5.78 -14.31 5.77
CA PHE B 172 5.73 -14.35 4.31
C PHE B 172 5.29 -15.72 3.78
N GLY B 173 4.49 -15.69 2.75
CA GLY B 173 3.97 -16.84 2.05
C GLY B 173 3.26 -16.39 0.79
N LEU B 174 3.44 -17.15 -0.32
CA LEU B 174 2.80 -16.89 -1.60
C LEU B 174 1.30 -16.97 -1.45
N PHE B 175 0.78 -17.68 -0.45
CA PHE B 175 -0.66 -17.82 -0.18
C PHE B 175 -1.02 -17.60 1.29
N TYR B 176 -0.15 -16.86 2.03
CA TYR B 176 -0.29 -16.53 3.45
C TYR B 176 -1.63 -15.90 3.74
N GLU B 177 -2.32 -16.39 4.79
CA GLU B 177 -3.62 -15.90 5.26
C GLU B 177 -4.75 -15.99 4.21
N LYS B 178 -4.55 -16.77 3.12
CA LYS B 178 -5.56 -16.93 2.08
C LYS B 178 -6.48 -18.11 2.37
N ASN B 179 -6.11 -18.97 3.34
CA ASN B 179 -6.94 -20.10 3.73
C ASN B 179 -8.04 -19.65 4.69
N GLY B 180 -9.29 -19.95 4.32
CA GLY B 180 -10.47 -19.63 5.11
C GLY B 180 -11.08 -18.28 4.81
N THR B 181 -10.57 -17.56 3.79
CA THR B 181 -11.10 -16.23 3.43
C THR B 181 -12.02 -16.26 2.19
N ASN B 182 -12.91 -15.24 2.08
CA ASN B 182 -13.87 -15.05 0.97
C ASN B 182 -13.19 -14.63 -0.34
N ASP B 183 -12.29 -15.51 -0.80
CA ASP B 183 -11.57 -15.39 -2.04
C ASP B 183 -12.47 -15.97 -3.17
N GLY B 184 -12.17 -15.63 -4.41
CA GLY B 184 -12.97 -16.07 -5.54
C GLY B 184 -13.08 -15.00 -6.59
N ASP B 185 -12.79 -15.37 -7.83
CA ASP B 185 -12.77 -14.48 -8.99
C ASP B 185 -14.15 -13.92 -9.31
N TYR B 186 -14.20 -12.98 -10.27
CA TYR B 186 -15.43 -12.33 -10.68
C TYR B 186 -15.50 -12.29 -12.20
N VAL B 187 -16.51 -12.95 -12.79
CA VAL B 187 -16.59 -12.93 -14.24
C VAL B 187 -17.75 -12.07 -14.70
N PHE B 188 -17.52 -11.21 -15.66
CA PHE B 188 -18.55 -10.34 -16.20
C PHE B 188 -18.69 -10.54 -17.69
N LEU B 189 -19.89 -10.28 -18.26
CA LEU B 189 -20.13 -10.38 -19.69
C LEU B 189 -20.22 -9.03 -20.32
N THR B 190 -19.73 -8.91 -21.54
CA THR B 190 -19.76 -7.62 -22.19
C THR B 190 -20.15 -7.79 -23.64
N GLY B 191 -19.88 -6.79 -24.45
CA GLY B 191 -20.22 -6.77 -25.87
C GLY B 191 -20.49 -5.36 -26.32
N GLU B 192 -21.78 -4.99 -26.37
CA GLU B 192 -22.23 -3.67 -26.81
C GLU B 192 -22.69 -2.76 -25.64
N ASP B 193 -24.04 -2.62 -25.44
CA ASP B 193 -24.73 -1.79 -24.44
C ASP B 193 -24.25 -2.02 -23.01
N PHE B 198 -25.12 -5.16 -22.86
CA PHE B 198 -25.18 -6.43 -22.15
C PHE B 198 -24.07 -6.54 -21.11
N THR B 199 -24.46 -6.75 -19.84
CA THR B 199 -23.54 -6.93 -18.72
C THR B 199 -24.15 -7.92 -17.68
N LYS B 200 -23.85 -9.23 -17.91
CA LYS B 200 -24.29 -10.40 -17.13
C LYS B 200 -23.18 -10.88 -16.21
N ILE B 201 -23.49 -11.04 -14.92
CA ILE B 201 -22.51 -11.51 -13.95
C ILE B 201 -22.60 -13.01 -13.82
N VAL B 202 -21.51 -13.71 -14.15
CA VAL B 202 -21.35 -15.14 -13.94
C VAL B 202 -20.27 -15.29 -12.91
N GLU B 203 -20.68 -15.57 -11.65
CA GLU B 203 -19.78 -15.66 -10.48
C GLU B 203 -19.31 -14.30 -9.95
N TRP B 204 -19.67 -14.08 -8.69
CA TRP B 204 -19.44 -13.02 -7.74
C TRP B 204 -18.89 -13.81 -6.50
N ASN B 205 -17.56 -14.00 -6.43
CA ASN B 205 -16.87 -14.89 -5.47
C ASN B 205 -17.10 -16.42 -5.85
N GLY B 206 -18.37 -16.82 -6.11
CA GLY B 206 -18.80 -18.15 -6.55
C GLY B 206 -20.27 -18.11 -6.97
N LYS B 207 -20.68 -18.80 -8.09
CA LYS B 207 -22.08 -18.85 -8.58
C LYS B 207 -22.43 -20.07 -9.44
N THR B 208 -23.67 -20.64 -9.26
CA THR B 208 -24.27 -21.81 -9.98
C THR B 208 -25.77 -21.57 -10.28
N SER B 209 -26.65 -22.55 -9.88
CA SER B 209 -28.13 -22.62 -9.97
C SER B 209 -28.70 -22.80 -8.54
N HIS B 230 -33.57 -13.48 -19.56
CA HIS B 230 -32.11 -13.60 -19.64
C HIS B 230 -31.54 -13.41 -21.09
N PRO B 231 -30.20 -13.14 -21.27
CA PRO B 231 -29.69 -12.80 -22.62
C PRO B 231 -29.36 -13.94 -23.59
N LEU B 232 -29.08 -13.53 -24.85
CA LEU B 232 -28.66 -14.38 -25.96
C LEU B 232 -27.15 -14.20 -26.05
N ILE B 233 -26.41 -14.93 -25.20
CA ILE B 233 -24.93 -14.91 -25.13
C ILE B 233 -24.42 -15.34 -26.49
N THR B 234 -23.51 -14.54 -27.06
CA THR B 234 -23.07 -14.81 -28.41
C THR B 234 -21.54 -14.87 -28.50
N LYS B 235 -21.01 -15.42 -29.61
CA LYS B 235 -19.57 -15.55 -29.77
C LYS B 235 -18.82 -14.21 -29.79
N ASP B 236 -19.57 -13.10 -29.98
CA ASP B 236 -19.12 -11.71 -30.02
C ASP B 236 -18.83 -11.11 -28.62
N GLU B 237 -19.50 -11.63 -27.55
CA GLU B 237 -19.31 -11.19 -26.15
C GLU B 237 -17.97 -11.66 -25.64
N VAL B 238 -17.37 -10.81 -24.78
CA VAL B 238 -16.06 -10.93 -24.12
C VAL B 238 -16.33 -11.13 -22.65
N LEU B 239 -15.45 -11.85 -21.94
CA LEU B 239 -15.59 -12.00 -20.50
C LEU B 239 -14.49 -11.27 -19.76
N TYR B 240 -14.87 -10.43 -18.79
CA TYR B 240 -13.91 -9.70 -17.98
C TYR B 240 -13.72 -10.39 -16.68
N VAL B 241 -12.47 -10.75 -16.39
CA VAL B 241 -12.22 -11.43 -15.13
C VAL B 241 -11.25 -10.70 -14.16
N PHE B 242 -11.76 -10.53 -12.94
CA PHE B 242 -11.09 -9.89 -11.84
C PHE B 242 -10.83 -10.91 -10.74
N PRO B 243 -9.69 -10.76 -10.05
CA PRO B 243 -9.37 -11.61 -8.89
C PRO B 243 -10.21 -11.21 -7.67
N SER B 244 -9.96 -11.84 -6.52
CA SER B 244 -10.69 -11.54 -5.30
C SER B 244 -10.62 -10.02 -4.93
N ASP B 245 -9.37 -9.48 -5.05
CA ASP B 245 -8.90 -8.14 -4.72
C ASP B 245 -9.17 -7.04 -5.77
N PHE B 246 -9.71 -7.38 -6.96
CA PHE B 246 -10.06 -6.46 -8.03
C PHE B 246 -8.97 -5.55 -8.60
N CYS B 247 -7.67 -5.83 -8.37
CA CYS B 247 -6.56 -4.98 -8.79
C CYS B 247 -6.54 -4.66 -10.26
N ARG B 248 -6.49 -5.74 -11.05
CA ARG B 248 -6.43 -5.68 -12.49
C ARG B 248 -7.47 -6.63 -13.11
N SER B 249 -7.72 -6.50 -14.42
CA SER B 249 -8.65 -7.36 -15.13
C SER B 249 -7.83 -8.11 -16.18
N VAL B 250 -8.43 -9.16 -16.73
CA VAL B 250 -7.91 -9.99 -17.84
C VAL B 250 -9.17 -10.25 -18.63
N TYR B 251 -9.12 -10.10 -19.96
CA TYR B 251 -10.31 -10.41 -20.74
C TYR B 251 -10.02 -11.68 -21.55
N ILE B 252 -11.01 -12.58 -21.56
CA ILE B 252 -11.01 -13.86 -22.23
C ILE B 252 -12.05 -13.78 -23.31
N THR B 253 -11.68 -14.16 -24.52
CA THR B 253 -12.55 -14.13 -25.69
C THR B 253 -12.90 -15.54 -26.13
N PHE B 254 -14.00 -15.66 -26.89
CA PHE B 254 -14.50 -16.92 -27.41
C PHE B 254 -13.50 -17.60 -28.33
N SER B 255 -13.12 -18.85 -27.98
CA SER B 255 -12.22 -19.73 -28.73
C SER B 255 -13.04 -20.61 -29.72
N ASP B 256 -14.05 -21.39 -29.23
CA ASP B 256 -14.92 -22.25 -30.08
C ASP B 256 -16.10 -22.86 -29.31
N TYR B 257 -16.95 -23.62 -30.03
CA TYR B 257 -18.11 -24.30 -29.47
C TYR B 257 -17.71 -25.72 -29.05
N GLU B 258 -18.03 -26.07 -27.80
CA GLU B 258 -17.68 -27.33 -27.17
C GLU B 258 -18.92 -27.95 -26.58
N SER B 259 -18.80 -29.23 -26.21
CA SER B 259 -19.82 -29.97 -25.50
C SER B 259 -19.07 -30.46 -24.25
N VAL B 260 -19.74 -30.45 -23.08
CA VAL B 260 -19.16 -30.87 -21.81
C VAL B 260 -20.19 -31.78 -21.15
N GLN B 261 -19.85 -33.07 -21.06
CA GLN B 261 -20.72 -34.13 -20.54
C GLN B 261 -22.10 -34.11 -21.22
N GLY B 262 -22.09 -33.71 -22.49
CA GLY B 262 -23.26 -33.62 -23.32
C GLY B 262 -23.83 -32.22 -23.46
N LEU B 263 -23.66 -31.40 -22.43
CA LEU B 263 -24.17 -30.03 -22.39
C LEU B 263 -23.39 -29.06 -23.32
N PRO B 264 -24.08 -28.17 -24.07
CA PRO B 264 -23.35 -27.19 -24.89
C PRO B 264 -22.61 -26.20 -24.03
N ALA B 265 -21.45 -25.73 -24.51
CA ALA B 265 -20.58 -24.77 -23.81
C ALA B 265 -19.78 -23.92 -24.84
N PHE B 266 -19.33 -22.72 -24.44
CA PHE B 266 -18.49 -21.87 -25.29
C PHE B 266 -17.15 -21.88 -24.59
N ARG B 267 -16.06 -22.22 -25.31
CA ARG B 267 -14.73 -22.24 -24.71
C ARG B 267 -14.12 -20.86 -24.80
N TYR B 268 -13.71 -20.30 -23.66
CA TYR B 268 -13.10 -18.98 -23.60
C TYR B 268 -11.64 -19.12 -23.28
N LYS B 269 -10.78 -18.37 -24.00
CA LYS B 269 -9.34 -18.43 -23.84
C LYS B 269 -8.75 -17.02 -23.76
N VAL B 270 -7.60 -16.85 -23.04
CA VAL B 270 -6.91 -15.53 -23.00
C VAL B 270 -6.29 -15.29 -24.40
N PRO B 271 -6.73 -14.25 -25.17
CA PRO B 271 -6.19 -14.03 -26.51
C PRO B 271 -4.72 -13.63 -26.57
N ALA B 272 -4.13 -13.71 -27.80
CA ALA B 272 -2.73 -13.34 -28.07
C ALA B 272 -2.46 -11.81 -27.87
N GLU B 273 -3.54 -10.98 -27.94
CA GLU B 273 -3.57 -9.51 -27.80
C GLU B 273 -3.03 -8.97 -26.43
N ILE B 274 -2.86 -9.84 -25.40
CA ILE B 274 -2.36 -9.45 -24.07
C ILE B 274 -0.96 -10.06 -23.82
N CYS B 291 11.84 -3.57 -23.45
CA CYS B 291 11.32 -3.71 -22.08
C CYS B 291 9.76 -3.63 -22.01
N LEU B 292 9.08 -4.59 -21.30
CA LEU B 292 9.65 -5.78 -20.62
C LEU B 292 9.83 -6.88 -21.66
N GLY B 293 8.71 -7.34 -22.20
CA GLY B 293 8.57 -8.39 -23.18
C GLY B 293 7.13 -8.85 -23.17
N SER B 294 6.62 -9.30 -24.32
CA SER B 294 5.23 -9.72 -24.47
C SER B 294 4.87 -11.03 -23.77
N GLY B 295 3.62 -11.16 -23.31
CA GLY B 295 3.14 -12.37 -22.67
C GLY B 295 3.42 -12.54 -21.18
N VAL B 296 3.94 -11.45 -20.54
CA VAL B 296 4.17 -11.29 -19.10
C VAL B 296 3.44 -10.00 -18.57
N LEU B 297 2.99 -10.05 -17.31
CA LEU B 297 2.25 -8.93 -16.71
C LEU B 297 2.89 -8.44 -15.39
N ASN B 298 3.37 -7.21 -15.34
CA ASN B 298 4.00 -6.72 -14.10
C ASN B 298 2.87 -6.41 -13.09
N VAL B 299 2.76 -7.22 -12.00
CA VAL B 299 1.71 -7.11 -11.01
C VAL B 299 2.27 -6.62 -9.67
N SER B 300 3.32 -5.77 -9.75
CA SER B 300 4.03 -5.22 -8.59
C SER B 300 3.19 -4.36 -7.63
N ILE B 301 2.33 -3.45 -8.14
CA ILE B 301 1.44 -2.53 -7.36
C ILE B 301 0.41 -3.31 -6.52
N CYS B 302 -0.11 -4.40 -7.08
CA CYS B 302 -1.07 -5.29 -6.42
C CYS B 302 -0.43 -6.10 -5.31
N LYS B 303 0.91 -6.29 -5.35
CA LYS B 303 1.61 -7.14 -4.44
C LYS B 303 2.59 -6.37 -3.52
N ASN B 304 2.13 -5.30 -2.89
CA ASN B 304 2.88 -4.47 -1.94
C ASN B 304 4.30 -4.07 -2.41
N GLY B 305 4.44 -3.79 -3.71
CA GLY B 305 5.71 -3.39 -4.31
C GLY B 305 6.69 -4.52 -4.56
N ALA B 306 6.39 -5.76 -4.08
CA ALA B 306 7.20 -6.96 -4.30
C ALA B 306 7.42 -7.10 -5.81
N PRO B 307 8.66 -7.36 -6.26
CA PRO B 307 8.94 -7.45 -7.71
C PRO B 307 8.34 -8.69 -8.44
N ILE B 308 7.02 -8.77 -8.55
CA ILE B 308 6.34 -9.93 -9.08
C ILE B 308 5.84 -9.79 -10.52
N ILE B 309 6.27 -10.67 -11.45
CA ILE B 309 5.80 -10.67 -12.83
C ILE B 309 4.85 -11.84 -13.02
N MET B 310 3.80 -11.69 -13.82
CA MET B 310 2.85 -12.77 -14.06
C MET B 310 3.03 -13.41 -15.41
N SER B 311 2.91 -14.74 -15.49
CA SER B 311 3.04 -15.34 -16.80
C SER B 311 2.18 -16.58 -16.91
N PHE B 312 2.08 -17.15 -18.11
CA PHE B 312 1.41 -18.43 -18.20
C PHE B 312 2.46 -19.49 -17.76
N PRO B 313 2.07 -20.71 -17.30
CA PRO B 313 3.10 -21.67 -16.91
C PRO B 313 4.12 -21.87 -18.04
N HIS B 314 5.38 -21.98 -17.68
CA HIS B 314 6.53 -22.15 -18.58
C HIS B 314 6.69 -21.08 -19.67
N PHE B 315 6.10 -19.88 -19.47
CA PHE B 315 6.18 -18.77 -20.42
C PHE B 315 5.51 -19.13 -21.75
N TYR B 316 4.38 -19.86 -21.64
CA TYR B 316 3.55 -20.23 -22.77
C TYR B 316 2.92 -18.93 -23.25
N GLN B 317 2.81 -18.76 -24.59
CA GLN B 317 2.27 -17.53 -25.23
C GLN B 317 3.11 -16.25 -24.96
N ALA B 318 4.29 -16.37 -24.32
CA ALA B 318 5.18 -15.23 -24.04
C ALA B 318 6.41 -15.29 -24.96
N ASP B 319 7.10 -14.15 -25.16
CA ASP B 319 8.31 -14.02 -26.00
C ASP B 319 9.29 -15.17 -25.77
N GLU B 320 9.85 -15.76 -26.87
CA GLU B 320 10.82 -16.86 -26.77
C GLU B 320 11.94 -16.50 -25.82
N ARG B 321 12.45 -15.25 -25.86
CA ARG B 321 13.52 -14.78 -24.97
C ARG B 321 13.32 -15.23 -23.50
N PHE B 322 12.05 -15.19 -22.98
CA PHE B 322 11.66 -15.59 -21.62
C PHE B 322 11.92 -17.01 -21.30
N VAL B 323 11.73 -17.90 -22.29
CA VAL B 323 11.94 -19.36 -22.21
C VAL B 323 13.44 -19.65 -22.15
N SER B 324 14.15 -19.27 -23.23
CA SER B 324 15.60 -19.40 -23.44
C SER B 324 16.43 -18.88 -22.26
N ALA B 325 15.89 -17.90 -21.51
CA ALA B 325 16.53 -17.27 -20.36
C ALA B 325 16.72 -18.20 -19.17
N ILE B 326 15.79 -19.17 -19.00
CA ILE B 326 15.72 -20.14 -17.90
C ILE B 326 15.72 -21.59 -18.47
N GLU B 327 16.75 -22.38 -18.15
CA GLU B 327 16.76 -23.77 -18.60
C GLU B 327 15.84 -24.54 -17.68
N GLY B 328 14.88 -25.24 -18.28
CA GLY B 328 13.91 -26.03 -17.55
C GLY B 328 12.48 -25.76 -17.97
N MET B 329 12.27 -24.64 -18.70
CA MET B 329 10.99 -24.18 -19.23
C MET B 329 10.70 -24.89 -20.55
N HIS B 330 9.52 -25.54 -20.65
CA HIS B 330 9.13 -26.30 -21.84
C HIS B 330 7.64 -26.13 -22.02
N PRO B 331 7.20 -24.97 -22.53
CA PRO B 331 5.74 -24.75 -22.66
C PRO B 331 5.07 -25.53 -23.77
N ASN B 332 3.80 -25.85 -23.55
CA ASN B 332 2.92 -26.50 -24.51
C ASN B 332 1.50 -26.13 -24.16
N GLN B 333 0.68 -25.94 -25.19
CA GLN B 333 -0.69 -25.51 -25.02
C GLN B 333 -1.55 -26.44 -24.17
N GLU B 334 -1.51 -27.76 -24.41
CA GLU B 334 -2.35 -28.69 -23.65
C GLU B 334 -2.16 -28.61 -22.12
N ASP B 335 -0.94 -28.38 -21.63
CA ASP B 335 -0.69 -28.31 -20.20
C ASP B 335 -0.59 -26.92 -19.62
N HIS B 336 -0.34 -25.89 -20.43
CA HIS B 336 -0.13 -24.57 -19.84
C HIS B 336 -1.17 -23.51 -20.24
N GLU B 337 -2.14 -23.82 -21.09
CA GLU B 337 -3.16 -22.83 -21.47
C GLU B 337 -4.22 -22.66 -20.40
N THR B 338 -4.88 -21.52 -20.47
CA THR B 338 -5.98 -21.17 -19.60
C THR B 338 -7.22 -21.18 -20.44
N PHE B 339 -8.22 -21.91 -19.95
CA PHE B 339 -9.50 -21.95 -20.62
C PHE B 339 -10.63 -22.03 -19.59
N VAL B 340 -11.89 -21.78 -20.04
CA VAL B 340 -13.11 -21.85 -19.22
C VAL B 340 -14.36 -22.08 -20.11
N ASP B 341 -14.95 -23.29 -20.08
CA ASP B 341 -16.14 -23.67 -20.86
C ASP B 341 -17.43 -23.30 -20.11
N ILE B 342 -18.18 -22.29 -20.61
CA ILE B 342 -19.40 -21.83 -19.93
C ILE B 342 -20.61 -22.23 -20.70
N ASN B 343 -21.64 -22.74 -20.01
CA ASN B 343 -22.89 -23.07 -20.67
C ASN B 343 -23.58 -21.73 -20.93
N PRO B 344 -23.94 -21.40 -22.18
CA PRO B 344 -24.58 -20.10 -22.41
C PRO B 344 -25.90 -19.88 -21.66
N LEU B 345 -26.94 -20.74 -21.89
CA LEU B 345 -28.27 -20.63 -21.25
C LEU B 345 -28.23 -20.31 -19.78
N THR B 346 -27.45 -21.08 -19.01
CA THR B 346 -27.39 -21.00 -17.56
C THR B 346 -26.28 -20.13 -16.99
N GLY B 347 -25.25 -19.85 -17.79
CA GLY B 347 -24.07 -19.10 -17.36
C GLY B 347 -23.18 -19.91 -16.43
N ILE B 348 -23.42 -21.24 -16.31
CA ILE B 348 -22.66 -22.17 -15.46
C ILE B 348 -21.28 -22.50 -16.04
N ILE B 349 -20.22 -22.46 -15.24
CA ILE B 349 -18.92 -22.95 -15.68
C ILE B 349 -18.99 -24.50 -15.55
N LEU B 350 -18.84 -25.22 -16.66
CA LEU B 350 -18.91 -26.68 -16.65
C LEU B 350 -17.53 -27.35 -16.49
N LYS B 351 -16.47 -26.72 -17.05
CA LYS B 351 -15.09 -27.23 -17.09
C LYS B 351 -14.16 -26.04 -17.27
N ALA B 352 -12.99 -26.03 -16.59
CA ALA B 352 -12.03 -24.92 -16.67
C ALA B 352 -10.68 -25.19 -16.06
N ALA B 353 -9.69 -24.34 -16.40
CA ALA B 353 -8.32 -24.42 -15.88
C ALA B 353 -7.72 -23.02 -15.78
N LYS B 354 -7.52 -22.57 -14.52
CA LYS B 354 -6.87 -21.33 -14.08
C LYS B 354 -5.42 -21.68 -14.05
N ARG B 355 -4.69 -21.26 -15.07
CA ARG B 355 -3.28 -21.61 -15.12
C ARG B 355 -2.43 -20.34 -15.23
N PHE B 356 -1.65 -20.05 -14.15
CA PHE B 356 -0.76 -18.90 -14.06
C PHE B 356 0.50 -19.23 -13.27
N GLN B 357 1.54 -18.39 -13.44
CA GLN B 357 2.87 -18.56 -12.85
C GLN B 357 3.32 -17.28 -12.15
N ILE B 358 3.89 -17.42 -10.95
CA ILE B 358 4.47 -16.30 -10.20
C ILE B 358 5.94 -16.24 -10.63
N ASN B 359 6.42 -15.07 -11.02
CA ASN B 359 7.83 -14.90 -11.35
C ASN B 359 8.36 -13.76 -10.53
N ILE B 360 9.68 -13.64 -10.40
CA ILE B 360 10.29 -12.52 -9.66
C ILE B 360 11.23 -11.83 -10.63
N TYR B 361 11.13 -10.52 -10.83
CA TYR B 361 12.07 -9.84 -11.73
C TYR B 361 13.37 -9.57 -10.97
N VAL B 362 14.43 -10.33 -11.29
CA VAL B 362 15.72 -10.32 -10.64
C VAL B 362 16.77 -9.66 -11.52
N LYS B 363 17.52 -8.73 -10.93
CA LYS B 363 18.59 -8.00 -11.58
C LYS B 363 19.72 -7.86 -10.61
N LYS B 364 20.94 -7.57 -11.13
CA LYS B 364 22.15 -7.31 -10.33
C LYS B 364 21.93 -5.99 -9.55
N LEU B 365 22.33 -5.96 -8.27
CA LEU B 365 22.09 -4.76 -7.46
C LEU B 365 23.31 -4.31 -6.61
N ASP B 366 23.47 -2.99 -6.52
CA ASP B 366 24.56 -2.27 -5.88
C ASP B 366 24.87 -2.70 -4.46
N ASP B 367 23.89 -2.75 -3.55
CA ASP B 367 24.18 -3.10 -2.15
C ASP B 367 23.27 -4.17 -1.50
N PHE B 368 23.63 -4.60 -0.25
CA PHE B 368 22.91 -5.46 0.73
C PHE B 368 22.92 -6.99 0.43
N VAL B 369 22.74 -7.38 -0.84
CA VAL B 369 22.87 -8.75 -1.37
C VAL B 369 23.87 -8.63 -2.54
N GLU B 370 24.80 -9.56 -2.79
CA GLU B 370 25.01 -10.98 -2.54
C GLU B 370 24.29 -11.64 -3.72
N THR B 371 23.97 -10.77 -4.74
CA THR B 371 23.37 -11.07 -6.04
C THR B 371 24.47 -11.39 -7.03
N GLY B 372 25.67 -10.88 -6.77
CA GLY B 372 26.81 -11.21 -7.60
C GLY B 372 26.68 -10.67 -9.00
N ASP B 373 26.95 -11.50 -10.02
CA ASP B 373 26.86 -11.11 -11.41
C ASP B 373 25.66 -11.77 -12.11
N ILE B 374 24.53 -11.85 -11.37
CA ILE B 374 23.27 -12.40 -11.82
C ILE B 374 22.83 -11.70 -13.11
N ARG B 375 22.22 -12.45 -14.02
CA ARG B 375 21.67 -11.91 -15.29
C ARG B 375 20.36 -11.19 -14.95
N THR B 376 19.96 -10.18 -15.74
CA THR B 376 18.67 -9.53 -15.52
C THR B 376 17.58 -10.43 -16.13
N MET B 377 16.69 -11.03 -15.32
CA MET B 377 15.68 -11.95 -15.86
C MET B 377 14.38 -12.06 -15.05
N VAL B 378 13.36 -12.66 -15.69
CA VAL B 378 12.03 -12.93 -15.13
C VAL B 378 12.16 -14.40 -14.73
N PHE B 379 12.51 -14.59 -13.44
CA PHE B 379 12.81 -15.86 -12.77
C PHE B 379 11.53 -16.57 -12.28
N PRO B 380 11.25 -17.80 -12.71
CA PRO B 380 10.02 -18.46 -12.26
C PRO B 380 10.08 -19.06 -10.85
N VAL B 381 9.03 -18.82 -10.03
CA VAL B 381 8.98 -19.40 -8.69
C VAL B 381 8.09 -20.62 -8.70
N MET B 382 6.83 -20.44 -9.06
CA MET B 382 5.89 -21.54 -9.05
C MET B 382 4.69 -21.22 -9.90
N TYR B 383 4.05 -22.27 -10.46
CA TYR B 383 2.81 -22.12 -11.22
C TYR B 383 1.70 -23.00 -10.62
N LEU B 384 0.44 -22.64 -10.88
CA LEU B 384 -0.68 -23.44 -10.38
C LEU B 384 -1.73 -23.78 -11.42
N ASN B 385 -2.54 -24.80 -11.08
CA ASN B 385 -3.71 -25.15 -11.87
C ASN B 385 -4.96 -25.25 -10.99
N GLU B 386 -5.89 -24.27 -11.10
CA GLU B 386 -7.21 -24.33 -10.43
C GLU B 386 -8.24 -24.84 -11.48
N SER B 387 -8.68 -26.10 -11.28
CA SER B 387 -9.52 -26.86 -12.18
C SER B 387 -10.87 -27.27 -11.63
N VAL B 388 -11.84 -27.45 -12.54
CA VAL B 388 -13.21 -27.90 -12.26
C VAL B 388 -13.76 -28.66 -13.47
N HIS B 389 -14.50 -29.75 -13.22
CA HIS B 389 -15.09 -30.56 -14.28
C HIS B 389 -16.37 -31.19 -13.77
N ILE B 390 -17.46 -30.94 -14.49
CA ILE B 390 -18.77 -31.51 -14.19
C ILE B 390 -18.74 -33.03 -14.48
N ASP B 391 -19.21 -33.85 -13.51
CA ASP B 391 -19.26 -35.32 -13.64
C ASP B 391 -20.51 -35.78 -14.40
N LYS B 392 -20.46 -36.99 -14.97
CA LYS B 392 -21.56 -37.60 -15.73
C LYS B 392 -22.94 -37.44 -15.07
N GLU B 393 -23.01 -37.72 -13.74
CA GLU B 393 -24.23 -37.62 -12.95
C GLU B 393 -24.76 -36.17 -12.82
N THR B 394 -23.97 -35.25 -12.23
CA THR B 394 -24.41 -33.86 -12.00
C THR B 394 -24.82 -33.15 -13.31
N ALA B 395 -24.22 -33.56 -14.45
CA ALA B 395 -24.53 -33.04 -15.79
C ALA B 395 -25.95 -33.50 -16.23
N SER B 396 -26.28 -34.79 -16.05
CA SER B 396 -27.60 -35.35 -16.36
C SER B 396 -28.70 -34.96 -15.32
N ARG B 397 -28.28 -34.43 -14.16
CA ARG B 397 -29.16 -33.93 -13.07
C ARG B 397 -29.47 -32.44 -13.37
N LEU B 398 -28.50 -31.73 -13.97
CA LEU B 398 -28.62 -30.33 -14.41
C LEU B 398 -29.53 -30.26 -15.65
N LYS B 399 -29.34 -31.20 -16.60
CA LYS B 399 -30.14 -31.30 -17.82
C LYS B 399 -31.57 -31.69 -17.45
N SER B 400 -31.74 -32.45 -16.32
CA SER B 400 -33.06 -32.86 -15.78
C SER B 400 -33.81 -31.63 -15.25
N MET B 401 -33.07 -30.57 -14.79
CA MET B 401 -33.62 -29.29 -14.37
C MET B 401 -33.60 -28.31 -15.59
N ILE B 402 -34.59 -28.54 -16.48
CA ILE B 402 -34.86 -27.83 -17.73
C ILE B 402 -36.33 -28.09 -18.12
C1 NAG C . -15.00 28.55 4.54
C2 NAG C . -15.88 29.21 5.58
C3 NAG C . -17.25 28.52 5.44
C4 NAG C . -17.80 28.66 4.03
C5 NAG C . -16.77 28.19 3.00
C6 NAG C . -17.17 28.44 1.57
C7 NAG C . -14.86 30.11 7.61
C8 NAG C . -14.88 29.99 9.10
N2 NAG C . -15.41 29.10 6.95
O3 NAG C . -18.16 28.98 6.44
O4 NAG C . -18.96 27.86 3.90
O5 NAG C . -15.51 28.86 3.24
O6 NAG C . -17.54 29.80 1.32
O7 NAG C . -14.36 31.07 7.03
C1 NAG C . -20.18 28.49 3.86
C2 NAG C . -21.16 27.45 3.31
C3 NAG C . -22.62 27.90 3.40
C4 NAG C . -22.94 28.51 4.77
C5 NAG C . -21.87 29.50 5.23
C6 NAG C . -22.06 29.96 6.65
C7 NAG C . -20.64 25.89 1.49
C8 NAG C . -19.97 25.75 0.17
N2 NAG C . -20.80 27.14 1.94
O3 NAG C . -23.43 26.76 3.18
O4 NAG C . -24.16 29.23 4.65
O5 NAG C . -20.57 28.88 5.17
O6 NAG C . -21.03 30.88 7.04
O7 NAG C . -21.00 24.92 2.15
C1 BMA C . -25.27 28.73 5.32
C2 BMA C . -26.07 29.94 5.77
C3 BMA C . -27.35 29.52 6.49
C4 BMA C . -28.10 28.39 5.77
C5 BMA C . -27.15 27.32 5.21
C6 BMA C . -27.81 26.31 4.29
O2 BMA C . -26.32 30.78 4.66
O3 BMA C . -28.22 30.63 6.63
O4 BMA C . -29.00 27.78 6.68
O5 BMA C . -26.09 27.94 4.47
O6 BMA C . -28.50 26.92 3.20
C1 MAN C . -27.91 31.68 7.54
C2 MAN C . -29.15 32.54 7.72
C3 MAN C . -28.78 34.00 8.02
C4 MAN C . -27.44 34.10 8.75
C5 MAN C . -26.32 33.51 7.92
C6 MAN C . -25.19 32.91 8.74
O2 MAN C . -29.95 31.99 8.76
O3 MAN C . -29.81 34.64 8.75
O4 MAN C . -27.13 35.46 9.00
O5 MAN C . -26.81 32.47 7.05
O6 MAN C . -24.21 32.28 7.92
C1 NAG D . -9.80 11.95 21.75
C2 NAG D . -11.08 12.78 21.61
C3 NAG D . -11.39 13.40 22.97
C4 NAG D . -11.51 12.33 24.05
C5 NAG D . -10.26 11.44 24.07
C6 NAG D . -10.37 10.24 24.99
C7 NAG D . -11.56 13.90 19.48
C8 NAG D . -11.17 15.02 18.56
N2 NAG D . -10.87 13.80 20.61
O3 NAG D . -12.59 14.18 22.90
O4 NAG D . -11.70 12.97 25.31
O5 NAG D . -9.98 10.95 22.75
O6 NAG D . -11.36 9.31 24.54
O7 NAG D . -12.48 13.12 19.20
C1 NAG D . -12.72 12.50 26.19
C2 NAG D . -12.94 13.57 27.26
C3 NAG D . -14.38 14.08 27.32
C4 NAG D . -15.41 12.93 27.31
C5 NAG D . -15.00 11.78 26.39
C6 NAG D . -16.13 11.30 25.50
C7 NAG D . -11.36 13.50 29.14
C8 NAG D . -11.03 12.86 30.46
N2 NAG D . -12.50 13.10 28.56
O3 NAG D . -14.61 14.98 26.23
O4 NAG D . -15.65 12.45 28.63
O5 NAG D . -13.94 12.18 25.52
O6 NAG D . -17.16 10.68 26.26
O7 NAG D . -10.61 14.32 28.62
C1 NAG E . 5.82 12.03 -5.46
C2 NAG E . 5.85 12.44 -6.94
C3 NAG E . 5.30 11.42 -7.94
C4 NAG E . 5.62 9.97 -7.54
C5 NAG E . 5.37 9.78 -6.05
C6 NAG E . 5.60 8.38 -5.53
C7 NAG E . 5.63 14.86 -7.20
C8 NAG E . 4.78 16.05 -6.86
N2 NAG E . 5.08 13.66 -7.00
O3 NAG E . 5.86 11.74 -9.21
O4 NAG E . 4.74 9.07 -8.22
O5 NAG E . 6.20 10.67 -5.29
O6 NAG E . 6.91 8.20 -5.04
O7 NAG E . 6.78 14.99 -7.62
C1 NAG E . 4.78 8.87 -9.63
C2 NAG E . 4.99 7.38 -9.87
C3 NAG E . 5.06 7.20 -11.39
C4 NAG E . 3.73 7.61 -12.03
C5 NAG E . 3.34 9.03 -11.61
C6 NAG E . 1.88 9.36 -11.88
C7 NAG E . 6.30 6.06 -8.28
C8 NAG E . 7.62 5.91 -7.59
N2 NAG E . 6.24 6.97 -9.24
O3 NAG E . 5.32 5.84 -11.69
O4 NAG E . 3.86 7.45 -13.45
O5 NAG E . 3.51 9.20 -10.19
O6 NAG E . 1.60 9.72 -13.23
O7 NAG E . 5.32 5.38 -7.95
C1 BMA E . 2.88 6.66 -14.13
C2 BMA E . 2.61 7.23 -15.55
C3 BMA E . 2.24 6.12 -16.53
C4 BMA E . 3.29 5.03 -16.62
C5 BMA E . 3.97 4.75 -15.26
C6 BMA E . 5.40 5.26 -15.13
O2 BMA E . 3.68 8.02 -16.03
O3 BMA E . 2.02 6.64 -17.85
O4 BMA E . 2.70 3.84 -17.12
O5 BMA E . 3.20 5.27 -14.16
O6 BMA E . 5.76 6.26 -16.10
C1 MAN E . 7.10 6.68 -16.10
C2 MAN E . 7.24 7.88 -17.05
C3 MAN E . 7.19 7.43 -18.52
C4 MAN E . 8.19 6.31 -18.81
C5 MAN E . 7.98 5.17 -17.81
C6 MAN E . 9.00 4.06 -17.93
O2 MAN E . 8.46 8.58 -16.78
O3 MAN E . 7.37 8.53 -19.40
O4 MAN E . 8.01 5.84 -20.14
O5 MAN E . 8.05 5.65 -16.46
O6 MAN E . 8.37 2.79 -18.07
C1 MAN E . 8.21 2.38 -19.40
C2 MAN E . 7.30 1.14 -19.42
C3 MAN E . 7.28 0.50 -20.81
C4 MAN E . 8.68 0.26 -21.37
C5 MAN E . 9.58 1.50 -21.27
C6 MAN E . 9.32 2.58 -22.31
O2 MAN E . 5.97 1.45 -18.98
O3 MAN E . 6.44 1.22 -21.72
O4 MAN E . 9.31 -0.81 -20.67
O5 MAN E . 9.51 2.09 -19.96
O6 MAN E . 10.36 3.55 -22.34
C1 M6D E . 5.40 0.56 -17.99
C2 M6D E . 5.74 1.07 -16.58
C3 M6D E . 5.03 0.32 -15.46
C4 M6D E . 3.57 0.02 -15.78
C5 M6D E . 3.46 -0.55 -17.18
C6 M6D E . 2.05 -0.95 -17.58
O2 M6D E . 5.48 2.47 -16.50
O3 M6D E . 5.11 1.05 -14.24
O4 M6D E . 3.07 -0.92 -14.82
O5 M6D E . 3.98 0.40 -18.13
O6 M6D E . 2.12 -2.25 -18.23
P M6D E . 1.98 -3.78 -17.59
O1P M6D E . 3.20 -4.69 -17.87
O2P M6D E . 1.71 -3.62 -16.07
O3P M6D E . 0.72 -4.34 -18.25
C1 MAN E . 1.16 7.74 -18.04
C2 MAN E . 0.37 7.56 -19.34
C3 MAN E . -0.50 8.79 -19.60
C4 MAN E . -0.36 9.83 -18.49
C5 MAN E . 1.12 10.17 -18.25
C6 MAN E . 1.37 11.05 -17.04
O2 MAN E . -0.39 6.36 -19.29
O3 MAN E . -1.87 8.46 -19.81
O4 MAN E . -1.09 11.01 -18.80
O5 MAN E . 1.91 8.97 -18.09
O6 MAN E . 1.25 10.34 -15.82
C1 NAG F . 2.02 27.92 17.49
C2 NAG F . 2.38 29.08 18.41
C3 NAG F . 1.17 29.99 18.18
C4 NAG F . 1.41 30.69 16.85
C5 NAG F . 1.59 29.68 15.72
C6 NAG F . 2.48 30.26 14.66
C7 NAG F . 1.78 28.32 20.73
C8 NAG F . 2.40 27.87 22.02
N2 NAG F . 2.64 28.84 19.83
O3 NAG F . 1.03 30.96 19.21
O4 NAG F . 0.41 31.65 16.52
O5 NAG F . 2.26 28.48 16.18
O6 NAG F . 1.90 30.14 13.37
O7 NAG F . 0.57 28.24 20.53
C1 NAG F . 0.94 32.97 16.35
C2 NAG F . -0.01 33.89 15.58
C3 NAG F . 0.76 35.20 15.35
C4 NAG F . 1.29 35.78 16.66
C5 NAG F . 2.08 34.74 17.45
C6 NAG F . 2.42 35.18 18.86
C7 NAG F . -1.47 32.51 14.13
C8 NAG F . -1.72 32.08 12.72
N2 NAG F . -0.39 33.30 14.31
O3 NAG F . -0.09 36.15 14.71
O4 NAG F . 2.12 36.90 16.36
O5 NAG F . 1.29 33.55 17.59
O6 NAG F . 2.84 34.07 19.64
O7 NAG F . -2.21 32.18 15.06
C1 BMA F . 1.63 38.15 16.75
C2 BMA F . 2.78 39.15 16.76
C3 BMA F . 2.24 40.52 17.17
C4 BMA F . 1.08 40.96 16.27
C5 BMA F . 0.01 39.86 16.22
C6 BMA F . -1.08 40.12 15.19
O2 BMA F . 3.40 39.20 15.48
O3 BMA F . 3.27 41.49 17.27
O4 BMA F . 0.50 42.17 16.77
O5 BMA F . 0.60 38.59 15.88
O6 BMA F . -0.73 39.56 13.93
C1 MAN F . 3.96 41.58 18.51
C2 MAN F . 4.48 43.00 18.74
C3 MAN F . 5.74 43.28 17.93
C4 MAN F . 6.78 42.19 18.08
C5 MAN F . 6.15 40.82 17.76
C6 MAN F . 7.08 39.65 17.98
O2 MAN F . 4.68 43.23 20.13
O3 MAN F . 6.29 44.54 18.34
O4 MAN F . 7.89 42.45 17.22
O5 MAN F . 5.02 40.62 18.64
O6 MAN F . 7.95 39.45 16.88
C1 MAN F . -1.72 39.63 12.93
C2 MAN F . -1.35 38.66 11.79
C3 MAN F . -0.24 39.22 10.88
C4 MAN F . -0.45 40.69 10.48
C5 MAN F . -0.79 41.54 11.72
C6 MAN F . -1.16 42.97 11.40
O2 MAN F . -2.51 38.26 11.07
O3 MAN F . -0.08 38.40 9.72
O4 MAN F . 0.73 41.21 9.90
O5 MAN F . -1.91 40.97 12.41
O6 MAN F . -1.48 43.71 12.58
C1 NAG G . 15.02 -29.04 -4.10
C2 NAG G . 14.85 -30.46 -3.56
C3 NAG G . 15.39 -30.42 -2.13
C4 NAG G . 16.85 -29.97 -2.11
C5 NAG G . 17.01 -28.65 -2.85
C6 NAG G . 18.46 -28.21 -3.02
C7 NAG G . 13.04 -31.82 -4.45
C8 NAG G . 11.79 -32.55 -4.06
N2 NAG G . 13.49 -30.95 -3.57
O3 NAG G . 15.19 -31.67 -1.46
O4 NAG G . 17.24 -29.77 -0.76
O5 NAG G . 16.42 -28.75 -4.17
O6 NAG G . 19.28 -29.22 -3.61
O7 NAG G . 13.62 -32.03 -5.52
C1 NAG G . 18.10 -30.70 -0.19
C2 NAG G . 18.67 -30.01 1.05
C3 NAG G . 19.46 -30.96 1.94
C4 NAG G . 18.70 -32.26 2.18
C5 NAG G . 18.12 -32.85 0.89
C6 NAG G . 17.17 -33.99 1.16
C7 NAG G . 19.36 -27.66 1.15
C8 NAG G . 20.06 -26.56 0.40
N2 NAG G . 19.50 -28.89 0.64
O3 NAG G . 19.64 -30.29 3.18
O4 NAG G . 19.60 -33.23 2.69
O5 NAG G . 17.36 -31.86 0.19
O6 NAG G . 16.62 -34.50 -0.05
O7 NAG G . 18.69 -27.43 2.15
C1 BMA G . 19.52 -33.57 4.05
C2 BMA G . 19.77 -35.05 4.17
C3 BMA G . 19.77 -35.49 5.63
C4 BMA G . 20.58 -34.56 6.54
C5 BMA G . 20.37 -33.08 6.21
C6 BMA G . 21.33 -32.13 6.90
O2 BMA G . 20.98 -35.40 3.51
O3 BMA G . 20.32 -36.81 5.74
O4 BMA G . 20.20 -34.78 7.89
O5 BMA G . 20.52 -32.87 4.80
O6 BMA G . 22.71 -32.48 6.69
C1 MAN G . 19.54 -37.92 5.31
C2 MAN G . 20.17 -39.19 5.89
C3 MAN G . 19.89 -40.39 4.98
C4 MAN G . 18.58 -40.22 4.21
C5 MAN G . 18.66 -38.99 3.29
C6 MAN G . 17.32 -38.36 3.02
O2 MAN G . 19.64 -39.43 7.18
O3 MAN G . 19.88 -41.60 5.72
O4 MAN G . 18.31 -41.37 3.41
O5 MAN G . 19.51 -37.98 3.88
O6 MAN G . 17.45 -37.18 2.22
C1 MAN G . 23.39 -32.91 7.84
C2 MAN G . 24.08 -31.71 8.51
C3 MAN G . 25.35 -31.34 7.75
C4 MAN G . 26.28 -32.55 7.68
C5 MAN G . 25.56 -33.67 6.95
C6 MAN G . 26.37 -34.94 6.87
O2 MAN G . 24.37 -32.02 9.86
O3 MAN G . 25.99 -30.22 8.37
O4 MAN G . 27.50 -32.23 7.01
O5 MAN G . 24.33 -33.99 7.62
O6 MAN G . 25.72 -35.90 6.05
H1 MAN G . 22.65 -33.39 8.49
H2 MAN G . 23.41 -30.85 8.52
H3 MAN G . 25.09 -31.00 6.76
H4 MAN G . 26.53 -32.89 8.69
H5 MAN G . 25.35 -33.35 5.92
H61 MAN G . 26.61 -35.33 7.85
H62 MAN G . 27.31 -34.75 6.36
HO2 MAN G . 23.54 -32.27 10.34
HO3 MAN G . 25.34 -29.47 8.51
HO4 MAN G . 28.05 -31.70 7.64
HO6 MAN G . 25.91 -35.65 5.11
C1 NAG H . -7.07 -24.67 5.47
C2 NAG H . -6.02 -25.69 5.93
C3 NAG H . -6.73 -27.04 6.09
C4 NAG H . -7.91 -26.93 7.06
C5 NAG H . -8.86 -25.82 6.60
C6 NAG H . -9.98 -25.54 7.60
C7 NAG H . -3.70 -25.46 5.18
C8 NAG H . -2.77 -25.60 4.00
N2 NAG H . -4.98 -25.76 4.93
O3 NAG H . -5.79 -28.02 6.53
O4 NAG H . -8.57 -28.19 7.10
O5 NAG H . -8.14 -24.58 6.43
O6 NAG H . -9.49 -25.01 8.82
O7 NAG H . -3.29 -25.12 6.29
C1 NAG H . -8.91 -28.76 8.37
C2 NAG H . -9.25 -30.24 8.15
C3 NAG H . -8.37 -31.20 8.95
C4 NAG H . -8.25 -30.78 10.42
C5 NAG H . -8.14 -29.26 10.60
C6 NAG H . -7.06 -28.83 11.55
C7 NAG H . -11.55 -30.68 7.40
C8 NAG H . -12.98 -30.84 7.83
N2 NAG H . -10.67 -30.49 8.39
O3 NAG H . -7.08 -31.31 8.36
O4 NAG H . -9.32 -31.30 11.20
O5 NAG H . -7.86 -28.62 9.33
O6 NAG H . -7.36 -29.24 12.88
O7 NAG H . -11.23 -30.70 6.22
C1 NAG I . 7.08 -3.10 -12.55
C2 NAG I . 8.34 -2.45 -13.13
C3 NAG I . 8.99 -1.41 -12.22
C4 NAG I . 7.97 -0.53 -11.48
C5 NAG I . 6.86 -1.43 -10.94
C6 NAG I . 5.79 -0.72 -10.13
C7 NAG I . 9.54 -4.12 -14.52
C8 NAG I . 10.18 -5.47 -14.48
N2 NAG I . 9.25 -3.59 -13.32
O3 NAG I . 9.86 -0.60 -13.00
O4 NAG I . 8.57 0.10 -10.34
O5 NAG I . 6.21 -2.12 -12.00
O6 NAG I . 4.70 -0.33 -10.95
O7 NAG I . 9.30 -3.56 -15.58
C1 NAG I . 9.52 1.16 -10.44
C2 NAG I . 8.97 2.35 -9.65
C3 NAG I . 9.98 3.46 -9.92
C4 NAG I . 11.32 3.13 -9.29
C5 NAG I . 11.82 1.74 -9.75
C6 NAG I . 12.86 1.14 -8.81
C7 NAG I . 6.56 2.70 -9.36
C8 NAG I . 5.25 2.94 -10.06
N2 NAG I . 7.65 2.72 -10.14
O3 NAG I . 9.50 4.69 -9.40
O4 NAG I . 12.22 4.18 -9.61
O5 NAG I . 10.75 0.78 -9.80
O6 NAG I . 14.15 1.77 -8.88
O7 NAG I . 6.62 2.46 -8.15
C1 BMA I . 12.81 4.92 -8.55
C2 BMA I . 14.07 5.56 -9.07
C3 BMA I . 14.82 6.18 -7.90
C4 BMA I . 13.94 7.19 -7.15
C5 BMA I . 12.59 6.56 -6.79
C6 BMA I . 11.57 7.52 -6.18
O2 BMA I . 13.77 6.55 -10.06
O3 BMA I . 16.04 6.76 -8.35
O4 BMA I . 14.62 7.64 -5.97
O5 BMA I . 11.98 5.93 -7.95
O6 BMA I . 11.13 8.57 -7.05
C1 MAN I . 17.25 5.95 -8.37
C2 MAN I . 18.39 6.83 -8.90
C3 MAN I . 18.26 7.08 -10.40
C4 MAN I . 18.10 5.76 -11.18
C5 MAN I . 16.97 4.93 -10.59
C6 MAN I . 16.84 3.55 -11.19
O2 MAN I . 19.67 6.29 -8.56
O3 MAN I . 19.35 7.86 -10.89
O4 MAN I . 17.80 6.04 -12.55
O5 MAN I . 17.15 4.75 -9.17
O6 MAN I . 16.47 3.63 -12.56
C1 NAG J . -3.96 -29.15 -13.90
C2 NAG J . -4.50 -30.36 -14.66
C3 NAG J . -3.42 -31.41 -14.45
C4 NAG J . -2.26 -31.05 -15.36
C5 NAG J . -1.82 -29.60 -15.17
C6 NAG J . -1.28 -29.04 -16.45
C7 NAG J . -6.22 -31.55 -13.27
C8 NAG J . -7.70 -31.71 -13.10
N2 NAG J . -5.85 -30.81 -14.33
O3 NAG J . -3.88 -32.73 -14.75
O4 NAG J . -1.14 -31.93 -15.27
O5 NAG J . -2.91 -28.73 -14.79
O6 NAG J . -0.04 -28.38 -16.27
O7 NAG J . -5.42 -32.07 -12.50
C1 NAG J . -0.78 -32.55 -16.48
C2 NAG J . 0.61 -33.16 -16.45
C3 NAG J . 0.87 -33.66 -17.87
C4 NAG J . -0.22 -34.62 -18.35
C5 NAG J . -1.61 -34.03 -18.16
C6 NAG J . -2.73 -35.03 -18.34
C7 NAG J . 2.03 -31.95 -14.82
C8 NAG J . 3.13 -30.95 -14.67
N2 NAG J . 1.62 -32.18 -16.08
O3 NAG J . 2.13 -34.33 -17.91
O4 NAG J . -0.01 -34.93 -19.72
O5 NAG J . -1.74 -33.55 -16.81
O6 NAG J . -3.94 -34.54 -17.78
O7 NAG J . 1.53 -32.51 -13.85
C1 BMA J . 0.37 -36.24 -20.01
C2 BMA J . 0.20 -36.50 -21.51
C3 BMA J . 0.62 -37.93 -21.83
C4 BMA J . 2.05 -38.21 -21.35
C5 BMA J . 2.18 -37.84 -19.87
C6 BMA J . 3.59 -37.93 -19.33
O2 BMA J . 0.93 -35.55 -22.27
O3 BMA J . 0.39 -38.24 -23.20
O4 BMA J . 2.35 -39.59 -21.54
O5 BMA J . 1.74 -36.49 -19.65
O6 BMA J . 4.28 -36.68 -19.47
C1 MAN J . -0.90 -38.76 -23.54
C2 MAN J . -0.79 -39.67 -24.77
C3 MAN J . -0.65 -38.87 -26.07
C4 MAN J . -1.70 -37.76 -26.17
C5 MAN J . -1.65 -36.88 -24.92
C6 MAN J . -2.68 -35.78 -24.88
O2 MAN J . -1.91 -40.55 -24.82
O3 MAN J . -0.76 -39.73 -27.20
O4 MAN J . -1.46 -36.99 -27.35
O5 MAN J . -1.87 -37.72 -23.76
O6 MAN J . -2.30 -34.63 -25.62
C1 MAN J . 5.53 -36.66 -18.83
C2 MAN J . 5.97 -35.19 -18.66
C3 MAN J . 6.53 -34.58 -19.95
C4 MAN J . 7.48 -35.53 -20.71
C5 MAN J . 6.88 -36.92 -20.83
C6 MAN J . 7.82 -37.94 -21.45
O2 MAN J . 6.88 -35.05 -17.56
O3 MAN J . 7.17 -33.33 -19.68
O4 MAN J . 7.73 -35.02 -22.02
O5 MAN J . 6.53 -37.42 -19.53
O6 MAN J . 7.21 -39.22 -21.56
C1 CLR K . 6.70 17.95 20.46
C2 CLR K . 6.16 17.80 21.88
C3 CLR K . 6.69 16.55 22.55
C4 CLR K . 8.20 16.55 22.56
C5 CLR K . 8.77 16.77 21.18
C6 CLR K . 9.75 16.02 20.74
C7 CLR K . 10.31 16.06 19.35
C8 CLR K . 10.15 17.42 18.69
C9 CLR K . 8.73 17.97 18.93
C10 CLR K . 8.24 17.98 20.42
C11 CLR K . 8.63 19.34 18.26
C12 CLR K . 8.94 19.29 16.76
C13 CLR K . 10.25 18.57 16.35
C14 CLR K . 10.33 17.27 17.18
C15 CLR K . 11.57 16.60 16.59
C16 CLR K . 11.47 16.94 15.08
C17 CLR K . 10.29 17.91 14.94
C18 CLR K . 11.46 19.50 16.60
C19 CLR K . 8.72 19.24 21.16
C20 CLR K . 10.33 18.73 13.62
C21 CLR K . 9.19 19.73 13.50
C22 CLR K . 10.28 17.79 12.39
C23 CLR K . 10.47 18.44 11.01
C24 CLR K . 9.24 18.62 10.10
C25 CLR K . 9.42 18.29 8.54
C26 CLR K . 8.32 17.42 7.92
C27 CLR K . 9.67 19.49 7.62
O1 CLR K . 6.23 16.45 23.91
H11 CLR K . 6.32 17.14 19.84
H12 CLR K . 6.29 18.85 20.02
H21 CLR K . 5.08 17.74 21.82
H22 CLR K . 6.34 18.69 22.48
H3 CLR K . 6.29 15.64 22.09
H41 CLR K . 8.54 15.60 22.97
H42 CLR K . 8.61 17.28 23.26
H6 CLR K . 10.31 15.40 21.42
H71 CLR K . 9.82 15.27 18.78
H72 CLR K . 11.36 15.79 19.38
H8 CLR K . 10.89 18.11 19.09
H9 CLR K . 8.05 17.31 18.40
H111 CLR K . 7.64 19.77 18.41
H112 CLR K . 9.31 20.05 18.71
H121 CLR K . 8.15 18.77 16.23
H122 CLR K . 8.98 20.30 16.39
H14 CLR K . 9.50 16.63 16.88
H151 CLR K . 11.53 15.53 16.82
H152 CLR K . 12.48 16.94 17.07
H161 CLR K . 11.30 16.06 14.46
H162 CLR K . 12.40 17.38 14.72
H17 CLR K . 9.38 17.31 14.83
H181 CLR K . 12.02 19.19 17.48
H182 CLR K . 12.17 19.52 15.78
H183 CLR K . 11.16 20.53 16.78
H191 CLR K . 8.65 19.19 22.24
H192 CLR K . 9.76 19.45 20.94
H193 CLR K . 8.12 20.12 20.88
H20 CLR K . 11.27 19.27 13.59
H211 CLR K . 8.21 19.26 13.60
H212 CLR K . 9.23 20.52 14.26
H213 CLR K . 9.17 20.25 12.55
H221 CLR K . 9.35 17.23 12.41
H222 CLR K . 11.04 17.01 12.45
H231 CLR K . 11.23 17.85 10.48
H232 CLR K . 10.93 19.41 11.16
H241 CLR K . 8.91 19.64 10.20
H242 CLR K . 8.41 18.03 10.47
H25 CLR K . 10.32 17.69 8.45
H261 CLR K . 8.45 17.29 6.85
H262 CLR K . 8.31 16.41 8.35
H263 CLR K . 7.33 17.84 8.08
H271 CLR K . 8.82 20.17 7.60
H272 CLR K . 10.54 20.07 7.91
H273 CLR K . 9.86 19.20 6.59
H1 CLR K . 6.59 15.61 24.31
C1 PCW L . -1.34 12.81 6.64
C2 PCW L . -2.61 12.00 6.77
C3 PCW L . -3.39 11.90 5.48
C4 PCW L . 2.95 13.37 8.88
C5 PCW L . 3.78 12.09 8.91
C6 PCW L . 5.26 10.56 7.54
C7 PCW L . 4.88 12.82 6.70
C8 PCW L . 6.20 12.48 8.69
C11 PCW L . -3.86 9.64 4.68
C12 PCW L . -3.34 8.61 3.72
C13 PCW L . -4.29 8.35 2.56
C14 PCW L . -5.49 7.51 2.95
C15 PCW L . -6.21 6.87 1.78
C16 PCW L . -7.54 6.23 2.14
C17 PCW L . -7.53 4.70 2.21
C18 PCW L . -6.45 4.09 3.11
C19 PCW L . -6.82 2.70 3.52
C20 PCW L . -6.22 1.59 3.14
C21 PCW L . -5.03 1.46 2.21
C22 PCW L . -4.70 -0.02 1.81
C23 PCW L . -3.48 -0.21 0.91
C24 PCW L . -3.50 0.52 -0.44
C25 PCW L . -2.12 0.64 -1.03
C26 PCW L . -2.06 1.43 -2.31
C27 PCW L . -0.65 1.48 -2.90
C28 PCW L . -0.66 1.99 -4.29
C31 PCW L . -2.57 10.33 8.53
C32 PCW L . -2.94 8.89 8.71
C33 PCW L . -4.38 8.69 9.19
C34 PCW L . -4.75 7.22 9.38
C35 PCW L . -4.02 6.52 10.53
C36 PCW L . -4.48 5.10 10.80
C37 PCW L . -3.62 4.37 11.83
C38 PCW L . -3.87 4.81 13.28
C39 PCW L . -2.83 4.32 14.26
C40 PCW L . -2.61 3.07 14.67
C41 PCW L . -3.32 1.81 14.25
C42 PCW L . -4.72 1.62 14.85
C43 PCW L . -5.88 1.94 13.92
C44 PCW L . -6.92 0.83 13.76
C45 PCW L . -8.05 0.83 14.78
C46 PCW L . -7.65 0.38 16.17
C47 PCW L . -8.80 0.30 17.17
C48 PCW L . -9.78 -0.82 16.90
N PCW L . 5.01 11.99 7.94
O2 PCW L . -2.36 10.64 7.24
O3 PCW L . -3.04 10.72 4.71
O11 PCW L . -4.85 9.53 5.35
O31 PCW L . -2.49 11.13 9.44
O1P PCW L . 0.51 14.79 7.93
O2P PCW L . -0.69 13.62 9.85
O3P PCW L . -0.41 12.48 7.69
O4P PCW L . 1.61 12.92 9.25
P PCW L . 0.24 13.55 8.69
H11 PCW L . -0.86 12.67 5.68
H12 PCW L . -1.59 13.88 6.69
H2 PCW L . -3.28 12.55 7.43
H31 PCW L . -3.22 12.81 4.92
H32 PCW L . -4.47 11.89 5.65
H41 PCW L . 2.88 13.86 7.90
H42 PCW L . 3.30 14.12 9.59
H51 PCW L . 4.14 11.96 9.93
H52 PCW L . 3.11 11.24 8.78
H61 PCW L . 4.81 10.30 6.58
H62 PCW L . 6.32 10.33 7.43
H63 PCW L . 4.84 9.87 8.26
H71 PCW L . 4.99 13.89 6.91
H72 PCW L . 5.65 12.55 5.98
H73 PCW L . 3.91 12.72 6.21
H81 PCW L . 6.41 11.83 9.53
H82 PCW L . 7.10 12.49 8.06
H83 PCW L . 6.05 13.48 9.08
H121 PCW L . -3.12 7.68 4.25
H122 PCW L . -2.37 8.91 3.36
H131 PCW L . -3.75 7.88 1.74
H132 PCW L . -4.63 9.29 2.14
H141 PCW L . -6.19 8.14 3.50
H142 PCW L . -5.18 6.75 3.67
H151 PCW L . -5.55 6.14 1.31
H152 PCW L . -6.36 7.62 0.99
H161 PCW L . -8.29 6.55 1.44
H162 PCW L . -7.89 6.62 3.10
H171 PCW L . -7.42 4.30 1.20
H172 PCW L . -8.51 4.36 2.54
H181 PCW L . -6.35 4.68 4.02
H182 PCW L . -5.48 4.15 2.64
H19 PCW L . -7.67 2.64 4.19
H20 PCW L . -6.59 0.64 3.54
H211 PCW L . -4.16 1.96 2.63
H212 PCW L . -5.28 2.05 1.33
H221 PCW L . -5.56 -0.48 1.35
H222 PCW L . -4.54 -0.60 2.72
H231 PCW L . -3.34 -1.28 0.74
H232 PCW L . -2.58 0.07 1.46
H241 PCW L . -3.95 1.50 -0.36
H242 PCW L . -4.14 -0.01 -1.14
H251 PCW L . -1.69 -0.35 -1.20
H252 PCW L . -1.45 1.10 -0.30
H261 PCW L . -2.43 2.45 -2.13
H262 PCW L . -2.75 1.02 -3.05
H271 PCW L . -0.21 0.49 -2.87
H272 PCW L . -0.01 2.09 -2.27
H281 PCW L . -1.01 3.02 -4.35
H282 PCW L . 0.34 1.96 -4.74
H283 PCW L . -1.32 1.42 -4.93
H321 PCW L . -2.79 8.35 7.77
H322 PCW L . -2.23 8.44 9.39
H331 PCW L . -4.52 9.22 10.13
H332 PCW L . -5.08 9.16 8.51
H341 PCW L . -5.83 7.13 9.51
H342 PCW L . -4.56 6.67 8.46
H351 PCW L . -2.95 6.50 10.32
H352 PCW L . -4.10 7.12 11.43
H361 PCW L . -5.52 5.10 11.14
H362 PCW L . -4.50 4.53 9.87
H371 PCW L . -3.80 3.31 11.72
H372 PCW L . -2.57 4.50 11.59
H381 PCW L . -3.93 5.90 13.33
H382 PCW L . -4.84 4.47 13.62
H39 PCW L . -2.20 5.11 14.66
H40 PCW L . -1.83 2.91 15.40
H411 PCW L . -3.34 1.76 13.16
H412 PCW L . -2.71 0.94 14.52
H421 PCW L . -4.81 0.60 15.22
H422 PCW L . -4.80 2.22 15.76
H431 PCW L . -6.40 2.82 14.29
H432 PCW L . -5.52 2.23 12.94
H441 PCW L . -7.35 0.89 12.76
H442 PCW L . -6.43 -0.14 13.76
H451 PCW L . -8.47 1.84 14.84
H452 PCW L . -8.86 0.21 14.40
H461 PCW L . -7.16 -0.59 16.13
H462 PCW L . -6.88 1.04 16.57
H471 PCW L . -8.41 0.22 18.19
H472 PCW L . -9.34 1.25 17.18
H481 PCW L . -10.51 -0.94 17.70
H482 PCW L . -10.35 -0.66 15.98
H483 PCW L . -9.28 -1.78 16.80
C1 CLR M . -11.84 -21.85 -11.30
C2 CLR M . -12.75 -22.73 -10.44
C3 CLR M . -13.83 -21.91 -9.76
C4 CLR M . -14.65 -21.15 -10.79
C5 CLR M . -13.75 -20.32 -11.68
C6 CLR M . -14.06 -19.08 -11.94
C7 CLR M . -13.22 -18.13 -12.72
C8 CLR M . -12.27 -18.81 -13.71
C9 CLR M . -11.63 -20.06 -13.07
C10 CLR M . -12.61 -21.06 -12.37
C11 CLR M . -10.72 -20.71 -14.12
C12 CLR M . -9.67 -19.76 -14.73
C13 CLR M . -10.13 -18.33 -15.11
C14 CLR M . -11.13 -17.85 -14.03
C15 CLR M . -11.40 -16.41 -14.43
C16 CLR M . -10.00 -15.91 -14.92
C17 CLR M . -9.10 -17.16 -14.91
C18 CLR M . -10.76 -18.31 -16.52
C19 CLR M . -13.22 -22.06 -13.37
C20 CLR M . -7.83 -17.02 -15.80
C21 CLR M . -6.87 -18.20 -15.64
C22 CLR M . -7.06 -15.71 -15.46
C23 CLR M . -5.87 -15.38 -16.38
C24 CLR M . -4.44 -15.46 -15.79
C25 CLR M . -3.44 -14.30 -16.20
C26 CLR M . -2.86 -13.53 -15.02
C27 CLR M . -2.32 -14.66 -17.18
O1 CLR M . -14.73 -22.73 -9.00
H11 CLR M . -11.28 -21.19 -10.64
H12 CLR M . -11.08 -22.49 -11.75
H21 CLR M . -12.14 -23.23 -9.69
H22 CLR M . -13.18 -23.55 -11.01
H3 CLR M . -13.42 -21.24 -9.01
H41 CLR M . -15.35 -20.52 -10.25
H42 CLR M . -15.28 -21.81 -11.37
H6 CLR M . -15.06 -18.72 -11.72
H71 CLR M . -12.66 -17.54 -11.99
H72 CLR M . -13.84 -17.41 -13.25
H8 CLR M . -12.82 -19.09 -14.61
H9 CLR M . -10.98 -19.70 -12.28
H111 CLR M . -10.20 -21.56 -13.68
H112 CLR M . -11.30 -21.13 -14.94
H121 CLR M . -8.84 -19.61 -14.07
H122 CLR M . -9.25 -20.25 -15.61
H14 CLR M . -10.59 -17.77 -13.08
H151 CLR M . -11.74 -15.89 -13.55
H152 CLR M . -12.20 -16.33 -15.17
H161 CLR M . -9.62 -15.13 -14.26
H162 CLR M . -10.07 -15.46 -15.91
H17 CLR M . -8.68 -17.25 -13.91
H181 CLR M . -11.84 -18.27 -16.49
H182 CLR M . -10.44 -17.47 -17.14
H183 CLR M . -10.52 -19.21 -17.09
H191 CLR M . -14.09 -22.61 -13.01
H192 CLR M . -13.53 -21.57 -14.29
H193 CLR M . -12.50 -22.83 -13.60
H20 CLR M . -8.15 -16.97 -16.84
H211 CLR M . -6.58 -18.33 -14.60
H212 CLR M . -7.31 -19.13 -15.99
H213 CLR M . -5.93 -18.06 -16.18
H221 CLR M . -6.74 -15.75 -14.42
H222 CLR M . -7.72 -14.84 -15.50
H231 CLR M . -6.04 -14.38 -16.78
H232 CLR M . -5.92 -16.02 -17.25
H241 CLR M . -4.01 -16.42 -16.10
H242 CLR M . -4.48 -15.53 -14.71
H25 CLR M . -4.02 -13.55 -16.73
H261 CLR M . -2.22 -12.70 -15.34
H262 CLR M . -3.62 -13.07 -14.40
H263 CLR M . -2.26 -14.14 -14.36
H271 CLR M . -1.68 -15.46 -16.81
H272 CLR M . -2.71 -14.96 -18.14
H273 CLR M . -1.67 -13.81 -17.38
H1 CLR M . -15.40 -22.15 -8.56
C1 PCW N . 1.24 -13.36 -4.83
C2 PCW N . 1.46 -13.34 -3.33
C3 PCW N . 2.84 -12.84 -2.94
C4 PCW N . -2.44 -13.35 -7.98
C5 PCW N . -3.33 -12.13 -7.85
C6 PCW N . -3.50 -9.66 -8.27
C7 PCW N . -1.82 -10.89 -9.54
C8 PCW N . -4.16 -11.26 -9.98
C11 PCW N . 2.90 -10.96 -1.39
C12 PCW N . 3.07 -9.47 -1.35
C13 PCW N . 4.35 -9.00 -0.71
C14 PCW N . 4.31 -9.12 0.80
C15 PCW N . 5.37 -8.27 1.51
C16 PCW N . 5.53 -8.58 2.98
C17 PCW N . 4.94 -7.57 3.95
C18 PCW N . 3.45 -7.26 3.72
C19 PCW N . 2.83 -6.68 4.98
C20 PCW N . 2.40 -5.45 5.16
C21 PCW N . 2.44 -4.33 4.16
C22 PCW N . 2.04 -2.93 4.72
C23 PCW N . 2.06 -1.77 3.73
C24 PCW N . 3.40 -1.48 3.06
C25 PCW N . 3.25 -0.71 1.77
C26 PCW N . 4.54 -0.48 1.01
C27 PCW N . 4.34 0.34 -0.22
C28 PCW N . 5.64 0.81 -0.78
C31 PCW N . -0.56 -13.12 -1.99
C32 PCW N . -1.03 -12.33 -0.81
C33 PCW N . -0.79 -13.03 0.52
C34 PCW N . -1.28 -12.22 1.73
C35 PCW N . -2.79 -12.07 1.83
C36 PCW N . -3.28 -11.39 3.10
C37 PCW N . -4.77 -11.10 3.10
C38 PCW N . -5.66 -12.33 3.35
C39 PCW N . -7.12 -12.11 3.07
C40 PCW N . -7.98 -11.36 3.74
C41 PCW N . -7.74 -10.49 4.94
C42 PCW N . -7.59 -11.25 6.27
C43 PCW N . -6.16 -11.41 6.76
C44 PCW N . -5.90 -10.92 8.18
C45 PCW N . -6.13 -11.95 9.29
C46 PCW N . -7.60 -12.25 9.56
C47 PCW N . -7.84 -13.20 10.73
C48 PCW N . -7.53 -12.61 12.09
N PCW N . -3.18 -10.99 -8.90
O2 PCW N . 0.47 -12.52 -2.62
O3 PCW N . 2.86 -11.41 -2.66
O11 PCW N . 2.81 -11.66 -0.42
O31 PCW N . -1.04 -14.17 -2.34
O1P PCW N . 0.00 -14.82 -7.14
O2P PCW N . -1.36 -15.52 -5.11
O3P PCW N . -0.18 -13.36 -5.11
O4P PCW N . -2.25 -13.80 -6.62
P PCW N . -0.90 -14.46 -6.04
H11 PCW N . 1.73 -12.52 -5.32
H12 PCW N . 1.71 -14.25 -5.26
H2 PCW N . 1.45 -14.37 -3.01
H31 PCW N . 3.50 -13.12 -3.75
H32 PCW N . 3.21 -13.38 -2.07
H41 PCW N . -1.47 -13.17 -8.42
H42 PCW N . -2.91 -14.14 -8.56
H51 PCW N . -4.37 -12.48 -7.86
H52 PCW N . -3.24 -11.73 -6.84
H61 PCW N . -2.62 -9.11 -7.94
H62 PCW N . -4.03 -9.00 -8.95
H63 PCW N . -4.13 -9.77 -7.40
H71 PCW N . -1.65 -11.71 -10.23
H72 PCW N . -1.71 -9.96 -10.09
H73 PCW N . -1.00 -10.93 -8.83
H81 PCW N . -5.17 -11.20 -9.61
H82 PCW N . -4.06 -10.55 -10.81
H83 PCW N . -4.03 -12.25 -10.41
H121 PCW N . 2.20 -9.02 -0.87
H122 PCW N . 3.03 -9.12 -2.39
H131 PCW N . 4.54 -7.97 -0.99
H132 PCW N . 5.18 -9.57 -1.12
H141 PCW N . 4.46 -10.16 1.06
H142 PCW N . 3.33 -8.87 1.19
H151 PCW N . 5.13 -7.22 1.38
H152 PCW N . 6.33 -8.40 1.00
H161 PCW N . 6.59 -8.70 3.20
H162 PCW N . 5.11 -9.56 3.20
H171 PCW N . 5.51 -6.65 3.91
H172 PCW N . 5.07 -7.93 4.96
H181 PCW N . 2.90 -8.15 3.44
H182 PCW N . 3.33 -6.61 2.84
H19 PCW N . 2.74 -7.40 5.80
H20 PCW N . 1.97 -5.18 6.13
H211 PCW N . 1.85 -4.57 3.28
H212 PCW N . 3.48 -4.31 3.81
H221 PCW N . 2.66 -2.67 5.59
H222 PCW N . 1.04 -3.01 5.14
H231 PCW N . 1.71 -0.87 4.22
H232 PCW N . 1.29 -1.93 2.97
H241 PCW N . 3.95 -2.39 2.83
H242 PCW N . 4.04 -0.94 3.74
H251 PCW N . 2.78 0.26 1.98
H252 PCW N . 2.53 -1.21 1.12
H261 PCW N . 4.98 -1.45 0.76
H262 PCW N . 5.28 -0.02 1.67
H271 PCW N . 3.71 1.21 -0.01
H272 PCW N . 3.78 -0.20 -0.97
H281 PCW N . 6.27 -0.01 -1.11
H282 PCW N . 5.50 1.47 -1.64
H283 PCW N . 6.23 1.35 -0.04
H321 PCW N . -0.55 -11.34 -0.82
H322 PCW N . -2.09 -12.11 -0.94
H331 PCW N . -1.29 -14.00 0.51
H332 PCW N . 0.26 -13.26 0.63
H341 PCW N . -0.88 -12.67 2.64
H342 PCW N . -0.83 -11.23 1.71
H351 PCW N . -3.16 -11.52 0.98
H352 PCW N . -3.26 -13.06 1.74
H361 PCW N . -3.02 -11.99 3.97
H362 PCW N . -2.73 -10.47 3.25
H371 PCW N . -4.97 -10.34 3.84
H372 PCW N . -5.06 -10.64 2.16
H381 PCW N . -5.29 -13.17 2.77
H382 PCW N . -5.57 -12.67 4.38
H39 PCW N . -7.47 -12.67 2.20
H40 PCW N . -9.02 -11.34 3.40
H411 PCW N . -6.88 -9.85 4.74
H412 PCW N . -8.55 -9.77 5.04
H421 PCW N . -8.19 -10.74 7.02
H422 PCW N . -8.06 -12.23 6.17
H431 PCW N . -5.89 -12.47 6.71
H432 PCW N . -5.46 -10.93 6.08
H441 PCW N . -4.87 -10.57 8.25
H442 PCW N . -6.47 -10.02 8.38
H451 PCW N . -5.63 -12.87 9.03
H452 PCW N . -5.65 -11.60 10.20
H461 PCW N . -8.14 -11.31 9.76
H462 PCW N . -8.07 -12.66 8.67
H471 PCW N . -8.88 -13.55 10.70
H472 PCW N . -7.26 -14.11 10.58
H481 PCW N . -7.85 -13.26 12.91
H482 PCW N . -6.46 -12.42 12.22
H483 PCW N . -8.03 -11.66 12.24
C11 PCW O . -18.79 -3.15 -12.88
C12 PCW O . -17.35 -3.39 -12.40
C13 PCW O . -16.28 -2.80 -13.31
C14 PCW O . -15.94 -3.64 -14.54
C15 PCW O . -15.18 -2.89 -15.62
C16 PCW O . -14.90 -3.67 -16.91
C17 PCW O . -16.13 -4.04 -17.74
C18 PCW O . -16.83 -2.88 -18.48
C19 PCW O . -16.21 -2.56 -19.83
C20 PCW O . -16.09 -1.38 -20.42
C21 PCW O . -16.54 -0.02 -19.93
#